data_8CWI
#
_entry.id   8CWI
#
_cell.length_a   53.691
_cell.length_b   88.639
_cell.length_c   81.398
_cell.angle_alpha   90.000
_cell.angle_beta   95.030
_cell.angle_gamma   90.000
#
_symmetry.space_group_name_H-M   'P 1 21 1'
#
loop_
_entity.id
_entity.type
_entity.pdbx_description
1 polymer 'Spike protein S1'
2 polymer 'Heavy chain of Fab arm of antibody 10G4'
3 polymer 'Light chain of Fab arm of antibody 10G4'
4 branched alpha-D-mannopyranose-(1-3)-[alpha-D-mannopyranose-(1-6)]beta-D-mannopyranose-(1-4)-2-acetamido-2-deoxy-beta-D-glucopyranose-(1-4)-[alpha-L-fucopyranose-(1-6)]2-acetamido-2-deoxy-beta-D-glucopyranose
5 branched 2-acetamido-2-deoxy-beta-D-glucopyranose-(1-4)-[alpha-L-fucopyranose-(1-6)]2-acetamido-2-deoxy-beta-D-glucopyranose
6 non-polymer 'MAGNESIUM ION'
7 non-polymer 'CHLORIDE ION'
8 water water
#
loop_
_entity_poly.entity_id
_entity_poly.type
_entity_poly.pdbx_seq_one_letter_code
_entity_poly.pdbx_strand_id
1 'polypeptide(L)'
;TNLCPFGEVFNATRFASVYAWNRKRISNCVADYSVLYNSASFSTFKCYGVSPTKLNDLCFTNVYADSFVIRGDEVRQIAP
GQTGKIADYNYKLPDDFTGCVIAWNSNNLDSKVGGNYNYLYRLFRKSNLKPFERDISTEIYQAGSTPCNGVEGFNCYFPL
QSYGFQPTNGVGYQPYRVVVLSFELLHAPATVCGPKGSHHHHHH
;
A
2 'polypeptide(L)'
;QVQLVESGGGVVQPGRSLRLSCAASGFTFSSYGMHWVRQAPGKGLEWVAVIWYDGSDKYYADSVKGRFTISRDNSKNTLY
LQINSLRAEDTAMYYCAREATAGFDYWGQGNLVTVSSASTKGPSVFPLAPSSKSTSGGTAALGCLVKDYFPEPVTVSWNS
GALTSGVHTFPAVLQSSGLYSLSSVVTVPSSSLGTQTYICNVNHKPSNTKVDKKVEPKSCGSHHHHHH
;
H
3 'polypeptide(L)'
;NIQMTQSPSAMSASVGDRVTITCRARQDISSYLAWFQQKPGKVPKHLIYAASTLLSGVPSRFSGSGSGTEFTLTISSLQP
EDFATYYCLQHNSYPYTFGQGTKLEINRTVAAPSVFIFPPSDEQLKSGTASVVCLLNNFYPREAKVQWKVDNALQSGNSQ
ESVTEQDSKDSTYSLSSTLTLSKADYEKHKVYACEVTHQGLSSPVTKSFNRGECS
;
L
#
loop_
_chem_comp.id
_chem_comp.type
_chem_comp.name
_chem_comp.formula
BMA D-saccharide, beta linking beta-D-mannopyranose 'C6 H12 O6'
CL non-polymer 'CHLORIDE ION' 'Cl -1'
FUC L-saccharide, alpha linking alpha-L-fucopyranose 'C6 H12 O5'
MAN D-saccharide, alpha linking alpha-D-mannopyranose 'C6 H12 O6'
MG non-polymer 'MAGNESIUM ION' 'Mg 2'
NAG D-saccharide, beta linking 2-acetamido-2-deoxy-beta-D-glucopyranose 'C8 H15 N O6'
#
# COMPACT_ATOMS: atom_id res chain seq x y z
N ASN A 2 -54.86 -34.58 -4.93
CA ASN A 2 -53.64 -34.34 -4.17
C ASN A 2 -53.32 -32.84 -4.13
N LEU A 3 -53.62 -32.19 -3.01
CA LEU A 3 -53.30 -30.77 -2.83
C LEU A 3 -51.82 -30.61 -2.51
N CYS A 4 -51.16 -29.66 -3.17
CA CYS A 4 -49.74 -29.43 -2.92
C CYS A 4 -49.55 -28.98 -1.47
N PRO A 5 -48.58 -29.56 -0.74
CA PRO A 5 -48.39 -29.25 0.68
C PRO A 5 -47.60 -27.96 0.93
N PHE A 6 -47.98 -26.88 0.25
CA PHE A 6 -47.17 -25.66 0.32
C PHE A 6 -47.23 -25.01 1.69
N GLY A 7 -48.23 -25.34 2.51
CA GLY A 7 -48.26 -24.80 3.87
C GLY A 7 -47.00 -25.15 4.66
N GLU A 8 -46.51 -26.37 4.49
CA GLU A 8 -45.26 -26.81 5.11
C GLU A 8 -44.05 -26.05 4.61
N VAL A 9 -44.13 -25.47 3.42
CA VAL A 9 -42.96 -24.82 2.83
C VAL A 9 -42.96 -23.36 3.26
N PHE A 10 -44.01 -22.64 2.88
CA PHE A 10 -44.05 -21.20 3.14
C PHE A 10 -44.17 -20.90 4.63
N ASN A 11 -44.88 -21.75 5.38
CA ASN A 11 -45.15 -21.49 6.78
C ASN A 11 -44.38 -22.42 7.71
N ALA A 12 -43.23 -22.93 7.26
CA ALA A 12 -42.38 -23.76 8.11
C ALA A 12 -41.96 -22.99 9.36
N THR A 13 -41.75 -23.74 10.45
CA THR A 13 -41.38 -23.12 11.72
C THR A 13 -39.95 -22.62 11.72
N ARG A 14 -39.08 -23.20 10.90
CA ARG A 14 -37.71 -22.73 10.76
C ARG A 14 -37.32 -22.69 9.28
N PHE A 15 -36.42 -21.76 8.95
CA PHE A 15 -35.86 -21.65 7.61
C PHE A 15 -34.34 -21.85 7.67
N ALA A 16 -33.81 -22.48 6.62
CA ALA A 16 -32.40 -22.80 6.58
C ALA A 16 -31.55 -21.58 6.19
N SER A 17 -30.28 -21.61 6.60
CA SER A 17 -29.29 -20.74 5.97
C SER A 17 -29.12 -21.10 4.51
N VAL A 18 -28.80 -20.10 3.67
CA VAL A 18 -28.70 -20.33 2.23
C VAL A 18 -27.59 -21.33 1.91
N TYR A 19 -26.48 -21.31 2.65
CA TYR A 19 -25.43 -22.29 2.34
C TYR A 19 -25.90 -23.72 2.59
N ALA A 20 -26.80 -23.91 3.54
CA ALA A 20 -27.36 -25.22 3.85
C ALA A 20 -28.82 -25.29 3.42
N TRP A 21 -29.12 -24.79 2.22
CA TRP A 21 -30.50 -24.59 1.79
C TRP A 21 -31.29 -25.90 1.85
N ASN A 22 -32.57 -25.76 2.16
CA ASN A 22 -33.46 -26.91 2.33
C ASN A 22 -34.17 -27.23 1.02
N ARG A 23 -34.36 -28.53 0.76
CA ARG A 23 -35.16 -28.99 -0.36
C ARG A 23 -36.27 -29.91 0.14
N LYS A 24 -37.51 -29.61 -0.25
CA LYS A 24 -38.63 -30.55 -0.09
C LYS A 24 -39.09 -31.00 -1.47
N ARG A 25 -39.12 -32.32 -1.66
CA ARG A 25 -39.54 -32.88 -2.94
C ARG A 25 -41.01 -33.24 -2.87
N ILE A 26 -41.79 -32.75 -3.83
CA ILE A 26 -43.24 -32.88 -3.83
C ILE A 26 -43.68 -33.59 -5.11
N SER A 27 -44.47 -34.65 -4.96
CA SER A 27 -45.03 -35.34 -6.12
C SER A 27 -46.11 -34.48 -6.77
N ASN A 28 -46.46 -34.85 -8.00
CA ASN A 28 -47.48 -34.15 -8.78
C ASN A 28 -48.72 -33.86 -7.93
N CYS A 29 -49.15 -32.60 -7.95
CA CYS A 29 -50.21 -32.16 -7.06
C CYS A 29 -50.92 -30.96 -7.69
N VAL A 30 -52.06 -30.62 -7.11
CA VAL A 30 -52.88 -29.50 -7.55
C VAL A 30 -52.75 -28.37 -6.53
N ALA A 31 -52.69 -27.13 -7.01
CA ALA A 31 -52.63 -25.99 -6.11
C ALA A 31 -53.25 -24.79 -6.80
N ASP A 32 -53.80 -23.88 -6.00
CA ASP A 32 -54.32 -22.61 -6.51
C ASP A 32 -53.15 -21.62 -6.50
N TYR A 33 -52.45 -21.55 -7.63
CA TYR A 33 -51.28 -20.68 -7.69
C TYR A 33 -51.66 -19.20 -7.66
N SER A 34 -52.88 -18.87 -8.08
CA SER A 34 -53.28 -17.47 -8.09
C SER A 34 -53.40 -16.89 -6.68
N VAL A 35 -53.75 -17.70 -5.67
CA VAL A 35 -53.78 -17.14 -4.33
C VAL A 35 -52.36 -16.81 -3.86
N LEU A 36 -51.36 -17.50 -4.39
CA LEU A 36 -49.98 -17.16 -4.08
C LEU A 36 -49.50 -15.95 -4.89
N TYR A 37 -49.66 -16.01 -6.22
N TYR A 37 -49.64 -15.98 -6.22
CA TYR A 37 -49.15 -14.95 -7.09
CA TYR A 37 -49.05 -14.89 -7.00
C TYR A 37 -49.82 -13.62 -6.82
C TYR A 37 -49.85 -13.59 -6.91
N ASN A 38 -51.08 -13.64 -6.41
CA ASN A 38 -51.84 -12.42 -6.15
C ASN A 38 -51.71 -11.93 -4.71
N SER A 39 -50.95 -12.65 -3.87
CA SER A 39 -50.81 -12.25 -2.47
C SER A 39 -49.87 -11.06 -2.34
N ALA A 40 -50.33 -10.04 -1.59
CA ALA A 40 -49.49 -8.89 -1.32
C ALA A 40 -48.37 -9.21 -0.35
N SER A 41 -48.37 -10.40 0.26
CA SER A 41 -47.33 -10.72 1.23
C SER A 41 -45.98 -11.03 0.58
N PHE A 42 -45.91 -11.18 -0.74
CA PHE A 42 -44.66 -11.48 -1.42
C PHE A 42 -44.11 -10.23 -2.09
N SER A 43 -42.82 -9.94 -1.82
CA SER A 43 -42.15 -8.82 -2.46
C SER A 43 -41.53 -9.21 -3.80
N THR A 44 -41.27 -10.50 -4.02
CA THR A 44 -40.78 -11.02 -5.28
C THR A 44 -41.64 -12.21 -5.68
N PHE A 45 -42.07 -12.25 -6.94
CA PHE A 45 -42.72 -13.46 -7.47
C PHE A 45 -42.38 -13.51 -8.96
N LYS A 46 -41.28 -14.17 -9.28
CA LYS A 46 -40.76 -14.20 -10.64
C LYS A 46 -40.74 -15.63 -11.14
N CYS A 47 -41.17 -15.82 -12.37
CA CYS A 47 -41.23 -17.15 -12.97
C CYS A 47 -40.40 -17.21 -14.23
N TYR A 48 -39.99 -18.44 -14.57
CA TYR A 48 -39.05 -18.70 -15.64
C TYR A 48 -39.52 -19.96 -16.36
N GLY A 49 -39.51 -19.93 -17.71
CA GLY A 49 -40.02 -21.04 -18.48
C GLY A 49 -41.52 -21.23 -18.40
N VAL A 50 -42.23 -20.35 -17.71
CA VAL A 50 -43.67 -20.44 -17.51
C VAL A 50 -44.12 -19.08 -16.99
N SER A 51 -45.35 -18.73 -17.31
N SER A 51 -45.34 -18.72 -17.32
CA SER A 51 -45.97 -17.53 -16.77
CA SER A 51 -45.91 -17.51 -16.74
C SER A 51 -46.74 -17.87 -15.49
C SER A 51 -46.73 -17.87 -15.50
N PRO A 52 -46.83 -16.95 -14.53
CA PRO A 52 -47.56 -17.26 -13.29
C PRO A 52 -49.00 -17.68 -13.53
N THR A 53 -49.65 -17.13 -14.54
CA THR A 53 -51.03 -17.48 -14.86
C THR A 53 -51.16 -18.86 -15.50
N LYS A 54 -50.07 -19.48 -15.92
CA LYS A 54 -50.10 -20.80 -16.52
C LYS A 54 -49.55 -21.89 -15.62
N LEU A 55 -49.18 -21.57 -14.38
CA LEU A 55 -48.67 -22.60 -13.47
C LEU A 55 -49.65 -23.75 -13.34
N ASN A 56 -50.94 -23.42 -13.25
CA ASN A 56 -51.99 -24.44 -13.12
C ASN A 56 -51.99 -25.42 -14.28
N ASP A 57 -51.45 -25.04 -15.43
CA ASP A 57 -51.44 -25.88 -16.63
C ASP A 57 -50.10 -26.57 -16.85
N LEU A 58 -49.13 -26.43 -15.95
CA LEU A 58 -47.89 -27.16 -16.11
C LEU A 58 -48.12 -28.66 -15.94
N CYS A 59 -47.51 -29.45 -16.81
CA CYS A 59 -47.47 -30.89 -16.63
C CYS A 59 -46.14 -31.24 -15.97
N PHE A 60 -46.21 -31.86 -14.79
CA PHE A 60 -44.96 -32.16 -14.09
C PHE A 60 -45.12 -33.45 -13.30
N THR A 61 -43.99 -34.08 -13.04
CA THR A 61 -43.91 -35.29 -12.22
C THR A 61 -43.59 -34.97 -10.77
N ASN A 62 -42.67 -34.04 -10.55
CA ASN A 62 -42.28 -33.61 -9.22
C ASN A 62 -42.04 -32.11 -9.27
N VAL A 63 -42.30 -31.44 -8.14
CA VAL A 63 -41.85 -30.07 -7.94
C VAL A 63 -40.93 -30.07 -6.74
N TYR A 64 -39.77 -29.42 -6.88
CA TYR A 64 -38.86 -29.25 -5.75
C TYR A 64 -39.13 -27.88 -5.15
N ALA A 65 -39.33 -27.84 -3.83
CA ALA A 65 -39.48 -26.57 -3.12
C ALA A 65 -38.22 -26.35 -2.30
N ASP A 66 -37.37 -25.43 -2.74
CA ASP A 66 -36.16 -25.07 -2.00
C ASP A 66 -36.40 -23.77 -1.23
N SER A 67 -35.83 -23.67 -0.03
CA SER A 67 -36.11 -22.49 0.77
C SER A 67 -34.93 -22.15 1.66
N PHE A 68 -34.80 -20.87 1.97
CA PHE A 68 -33.63 -20.40 2.71
C PHE A 68 -33.81 -18.92 3.01
N VAL A 69 -32.86 -18.35 3.74
CA VAL A 69 -32.86 -16.92 4.08
C VAL A 69 -31.63 -16.29 3.45
N ILE A 70 -31.81 -15.14 2.81
CA ILE A 70 -30.73 -14.29 2.29
C ILE A 70 -31.06 -12.85 2.66
N ARG A 71 -30.16 -11.92 2.32
CA ARG A 71 -30.54 -10.53 2.58
C ARG A 71 -31.19 -9.92 1.34
N GLY A 72 -31.90 -8.81 1.54
CA GLY A 72 -32.78 -8.29 0.50
C GLY A 72 -32.07 -8.00 -0.81
N ASP A 73 -30.87 -7.40 -0.74
CA ASP A 73 -30.21 -7.05 -1.99
C ASP A 73 -29.62 -8.25 -2.71
N GLU A 74 -29.79 -9.47 -2.19
CA GLU A 74 -29.34 -10.69 -2.87
C GLU A 74 -30.47 -11.46 -3.54
N VAL A 75 -31.72 -11.05 -3.38
CA VAL A 75 -32.83 -11.76 -4.00
C VAL A 75 -32.66 -11.79 -5.52
N ARG A 76 -32.10 -10.71 -6.09
CA ARG A 76 -31.83 -10.66 -7.52
C ARG A 76 -30.91 -11.77 -8.00
N GLN A 77 -30.08 -12.33 -7.12
CA GLN A 77 -29.19 -13.41 -7.53
C GLN A 77 -29.89 -14.75 -7.66
N ILE A 78 -31.13 -14.86 -7.18
CA ILE A 78 -31.83 -16.15 -7.27
C ILE A 78 -32.56 -16.19 -8.60
N ALA A 79 -31.81 -16.34 -9.69
CA ALA A 79 -32.35 -16.39 -11.03
C ALA A 79 -31.35 -17.14 -11.90
N PRO A 80 -31.79 -17.72 -13.01
CA PRO A 80 -30.83 -18.33 -13.94
C PRO A 80 -29.83 -17.29 -14.44
N GLY A 81 -28.59 -17.73 -14.62
CA GLY A 81 -27.56 -16.91 -15.23
C GLY A 81 -27.00 -15.78 -14.38
N GLN A 82 -27.30 -15.74 -13.09
CA GLN A 82 -26.78 -14.71 -12.20
C GLN A 82 -25.40 -15.08 -11.67
N THR A 83 -24.65 -14.06 -11.27
CA THR A 83 -23.37 -14.20 -10.60
C THR A 83 -23.40 -13.46 -9.27
N GLY A 84 -22.38 -13.70 -8.45
CA GLY A 84 -22.32 -13.17 -7.11
C GLY A 84 -22.05 -14.29 -6.11
N LYS A 85 -21.83 -13.87 -4.86
CA LYS A 85 -21.46 -14.87 -3.86
C LYS A 85 -22.58 -15.85 -3.61
N ILE A 86 -23.84 -15.42 -3.73
CA ILE A 86 -24.93 -16.37 -3.46
C ILE A 86 -25.09 -17.32 -4.63
N ALA A 87 -25.23 -16.79 -5.85
CA ALA A 87 -25.41 -17.64 -7.02
C ALA A 87 -24.19 -18.51 -7.29
N ASP A 88 -22.99 -18.03 -6.98
CA ASP A 88 -21.80 -18.81 -7.29
C ASP A 88 -21.41 -19.79 -6.19
N TYR A 89 -21.61 -19.44 -4.92
CA TYR A 89 -21.09 -20.26 -3.83
C TYR A 89 -22.15 -20.82 -2.89
N ASN A 90 -23.43 -20.48 -3.05
CA ASN A 90 -24.44 -20.92 -2.09
C ASN A 90 -25.60 -21.67 -2.74
N TYR A 91 -26.24 -21.09 -3.75
CA TYR A 91 -27.44 -21.70 -4.35
C TYR A 91 -27.49 -21.25 -5.80
N LYS A 92 -27.41 -22.21 -6.73
N LYS A 92 -27.42 -22.22 -6.72
CA LYS A 92 -27.28 -21.95 -8.16
CA LYS A 92 -27.30 -21.95 -8.15
C LYS A 92 -28.42 -22.63 -8.91
C LYS A 92 -28.43 -22.62 -8.91
N LEU A 93 -29.19 -21.83 -9.70
CA LEU A 93 -30.26 -22.38 -10.53
C LEU A 93 -29.70 -22.82 -11.88
N PRO A 94 -30.29 -23.85 -12.48
CA PRO A 94 -29.86 -24.26 -13.82
C PRO A 94 -30.35 -23.28 -14.88
N ASP A 95 -29.66 -23.29 -16.03
CA ASP A 95 -30.06 -22.42 -17.14
C ASP A 95 -31.47 -22.73 -17.64
N ASP A 96 -31.87 -24.00 -17.61
CA ASP A 96 -33.20 -24.38 -18.08
C ASP A 96 -34.20 -24.54 -16.94
N PHE A 97 -34.10 -23.66 -15.95
CA PHE A 97 -34.98 -23.68 -14.80
C PHE A 97 -36.41 -23.34 -15.20
N THR A 98 -37.37 -24.18 -14.82
CA THR A 98 -38.79 -23.90 -15.06
C THR A 98 -39.53 -23.87 -13.72
N GLY A 99 -40.00 -22.70 -13.34
CA GLY A 99 -40.63 -22.54 -12.04
C GLY A 99 -40.52 -21.10 -11.61
N CYS A 100 -40.68 -20.87 -10.30
CA CYS A 100 -40.75 -19.51 -9.80
C CYS A 100 -39.90 -19.33 -8.55
N VAL A 101 -39.55 -18.06 -8.33
CA VAL A 101 -38.79 -17.61 -7.18
C VAL A 101 -39.67 -16.62 -6.42
N ILE A 102 -39.90 -16.91 -5.14
CA ILE A 102 -40.83 -16.17 -4.31
C ILE A 102 -40.08 -15.72 -3.07
N ALA A 103 -40.17 -14.44 -2.72
CA ALA A 103 -39.47 -13.94 -1.54
C ALA A 103 -40.36 -12.98 -0.78
N TRP A 104 -40.08 -12.84 0.51
CA TRP A 104 -40.77 -11.84 1.31
C TRP A 104 -39.85 -11.38 2.44
N ASN A 105 -40.04 -10.13 2.85
CA ASN A 105 -39.25 -9.58 3.94
C ASN A 105 -39.58 -10.29 5.24
N SER A 106 -38.55 -10.75 5.96
CA SER A 106 -38.76 -11.50 7.20
C SER A 106 -38.09 -10.82 8.40
N ASN A 107 -37.92 -9.50 8.32
CA ASN A 107 -37.24 -8.74 9.39
C ASN A 107 -37.89 -8.98 10.74
N ASN A 108 -39.23 -9.10 10.77
CA ASN A 108 -39.92 -9.27 12.04
C ASN A 108 -39.61 -10.60 12.71
N LEU A 109 -39.20 -11.62 11.93
CA LEU A 109 -38.90 -12.95 12.48
C LEU A 109 -37.41 -13.26 12.58
N ASP A 110 -36.58 -12.73 11.69
CA ASP A 110 -35.20 -13.22 11.53
C ASP A 110 -34.13 -12.22 11.95
N SER A 111 -34.51 -11.00 12.32
CA SER A 111 -33.53 -10.06 12.85
C SER A 111 -33.49 -10.17 14.37
N LYS A 112 -32.35 -9.77 14.93
CA LYS A 112 -32.18 -9.73 16.37
C LYS A 112 -31.33 -8.52 16.73
N VAL A 113 -31.66 -7.88 17.84
CA VAL A 113 -30.87 -6.74 18.29
C VAL A 113 -29.43 -7.16 18.53
N GLY A 114 -28.49 -6.36 18.02
CA GLY A 114 -27.08 -6.68 18.10
C GLY A 114 -26.57 -7.59 17.01
N GLY A 115 -27.46 -8.28 16.30
CA GLY A 115 -27.07 -9.19 15.22
C GLY A 115 -27.68 -10.57 15.39
N ASN A 116 -27.74 -11.29 14.26
N ASN A 116 -27.98 -11.21 14.27
CA ASN A 116 -28.44 -12.57 14.11
CA ASN A 116 -28.35 -12.61 14.28
C ASN A 116 -27.60 -13.78 14.53
C ASN A 116 -27.14 -13.39 13.79
N TYR A 117 -26.39 -13.92 13.96
N TYR A 117 -26.59 -14.23 14.65
CA TYR A 117 -25.48 -15.04 14.18
CA TYR A 117 -25.49 -15.10 14.27
C TYR A 117 -25.98 -16.38 13.62
C TYR A 117 -25.98 -16.40 13.66
N ASN A 118 -27.30 -16.61 13.59
CA ASN A 118 -27.81 -17.92 13.15
C ASN A 118 -27.72 -18.11 11.64
N TYR A 119 -27.99 -17.08 10.85
CA TYR A 119 -28.02 -17.25 9.40
C TYR A 119 -26.67 -16.93 8.79
N LEU A 120 -26.17 -17.82 7.93
CA LEU A 120 -24.84 -17.71 7.35
C LEU A 120 -24.92 -17.88 5.83
N TYR A 121 -23.86 -17.43 5.17
CA TYR A 121 -23.66 -17.68 3.76
C TYR A 121 -22.20 -17.98 3.52
N ARG A 122 -21.92 -18.67 2.42
CA ARG A 122 -20.55 -19.00 2.08
C ARG A 122 -19.94 -17.85 1.30
N LEU A 123 -18.74 -17.42 1.73
CA LEU A 123 -18.01 -16.28 1.17
C LEU A 123 -17.07 -16.67 0.04
N PHE A 124 -16.42 -17.83 0.17
CA PHE A 124 -15.41 -18.26 -0.78
C PHE A 124 -15.60 -19.72 -1.12
N ARG A 125 -15.15 -20.10 -2.31
CA ARG A 125 -15.13 -21.50 -2.70
C ARG A 125 -14.08 -21.65 -3.79
N LYS A 126 -13.49 -22.84 -3.88
CA LYS A 126 -12.47 -23.08 -4.91
C LYS A 126 -13.05 -23.10 -6.31
N SER A 127 -14.35 -23.34 -6.46
CA SER A 127 -14.99 -23.32 -7.76
C SER A 127 -16.46 -22.98 -7.55
N ASN A 128 -17.12 -22.56 -8.62
CA ASN A 128 -18.55 -22.28 -8.53
C ASN A 128 -19.33 -23.57 -8.27
N LEU A 129 -20.45 -23.44 -7.58
CA LEU A 129 -21.34 -24.58 -7.42
C LEU A 129 -21.97 -24.94 -8.75
N LYS A 130 -22.22 -26.23 -8.95
CA LYS A 130 -23.07 -26.66 -10.05
C LYS A 130 -24.51 -26.36 -9.68
N PRO A 131 -25.42 -26.34 -10.66
CA PRO A 131 -26.83 -26.08 -10.35
C PRO A 131 -27.38 -27.10 -9.34
N PHE A 132 -28.05 -26.57 -8.32
CA PHE A 132 -28.67 -27.36 -7.28
C PHE A 132 -27.66 -28.16 -6.45
N GLU A 133 -26.37 -27.83 -6.55
CA GLU A 133 -25.38 -28.39 -5.64
C GLU A 133 -25.44 -27.69 -4.29
N ARG A 134 -25.07 -28.43 -3.24
CA ARG A 134 -25.00 -27.88 -1.89
C ARG A 134 -23.64 -28.17 -1.28
N ASP A 135 -23.13 -27.21 -0.50
CA ASP A 135 -21.81 -27.33 0.13
C ASP A 135 -21.97 -26.87 1.57
N ILE A 136 -21.81 -27.80 2.52
CA ILE A 136 -21.89 -27.47 3.94
C ILE A 136 -20.57 -27.67 4.65
N SER A 137 -19.48 -27.81 3.91
CA SER A 137 -18.16 -27.94 4.53
C SER A 137 -17.74 -26.61 5.16
N THR A 138 -16.78 -26.70 6.08
CA THR A 138 -16.29 -25.54 6.83
C THR A 138 -14.76 -25.50 6.87
N GLU A 139 -14.11 -25.95 5.80
CA GLU A 139 -12.66 -25.94 5.75
C GLU A 139 -12.14 -24.51 5.55
N ILE A 140 -11.03 -24.19 6.23
CA ILE A 140 -10.46 -22.84 6.13
C ILE A 140 -10.03 -22.60 4.68
N TYR A 141 -10.44 -21.46 4.13
CA TYR A 141 -10.23 -21.17 2.72
C TYR A 141 -8.87 -20.50 2.52
N GLN A 142 -8.04 -21.08 1.66
CA GLN A 142 -6.71 -20.53 1.37
C GLN A 142 -6.80 -19.49 0.25
N ALA A 143 -6.73 -18.21 0.62
CA ALA A 143 -6.79 -17.12 -0.35
C ALA A 143 -5.41 -16.68 -0.84
N GLY A 144 -4.33 -17.14 -0.21
CA GLY A 144 -3.01 -16.70 -0.60
C GLY A 144 -2.09 -17.85 -0.96
N SER A 145 -0.80 -17.61 -0.75
CA SER A 145 0.26 -18.50 -1.25
C SER A 145 0.71 -19.54 -0.22
N THR A 146 0.04 -19.61 0.93
CA THR A 146 0.48 -20.38 2.09
C THR A 146 -0.66 -21.30 2.53
N PRO A 147 -0.39 -22.59 2.76
CA PRO A 147 -1.45 -23.49 3.25
C PRO A 147 -1.89 -23.10 4.64
N CYS A 148 -3.20 -23.08 4.85
CA CYS A 148 -3.71 -22.68 6.15
C CYS A 148 -3.52 -23.75 7.21
N ASN A 149 -3.61 -25.03 6.81
CA ASN A 149 -3.42 -26.17 7.71
C ASN A 149 -4.24 -26.03 8.99
N GLY A 150 -5.49 -25.59 8.84
CA GLY A 150 -6.41 -25.55 9.94
C GLY A 150 -6.33 -24.33 10.84
N VAL A 151 -5.52 -23.34 10.49
CA VAL A 151 -5.36 -22.13 11.29
C VAL A 151 -5.93 -20.95 10.53
N GLU A 152 -6.76 -20.16 11.20
CA GLU A 152 -7.32 -18.95 10.63
C GLU A 152 -6.34 -17.78 10.77
N GLY A 153 -6.34 -16.90 9.78
CA GLY A 153 -5.55 -15.69 9.83
C GLY A 153 -5.45 -14.99 8.48
N PHE A 154 -4.29 -14.39 8.20
CA PHE A 154 -4.06 -13.67 6.95
C PHE A 154 -4.23 -14.59 5.75
N ASN A 155 -5.18 -14.24 4.88
CA ASN A 155 -5.47 -14.98 3.64
C ASN A 155 -5.93 -16.41 3.92
N CYS A 156 -6.39 -16.68 5.15
CA CYS A 156 -6.83 -18.02 5.59
C CYS A 156 -8.12 -17.82 6.36
N TYR A 157 -9.25 -17.93 5.66
CA TYR A 157 -10.52 -17.41 6.14
C TYR A 157 -11.50 -18.53 6.46
N PHE A 158 -12.20 -18.40 7.58
CA PHE A 158 -13.37 -19.22 7.77
C PHE A 158 -14.30 -18.96 6.59
N PRO A 159 -14.84 -20.00 5.96
CA PRO A 159 -15.52 -19.82 4.67
C PRO A 159 -16.95 -19.30 4.75
N LEU A 160 -17.57 -19.29 5.94
CA LEU A 160 -18.93 -18.81 6.11
C LEU A 160 -18.91 -17.47 6.82
N GLN A 161 -19.86 -16.63 6.46
CA GLN A 161 -20.03 -15.30 7.05
C GLN A 161 -21.43 -15.20 7.63
N SER A 162 -21.56 -14.56 8.78
N SER A 162 -21.56 -14.58 8.80
CA SER A 162 -22.86 -14.33 9.38
CA SER A 162 -22.88 -14.35 9.38
C SER A 162 -23.51 -13.09 8.79
C SER A 162 -23.50 -13.09 8.81
N TYR A 163 -24.81 -13.16 8.54
CA TYR A 163 -25.52 -11.98 8.06
C TYR A 163 -25.68 -10.93 9.16
N GLY A 164 -25.74 -11.34 10.41
CA GLY A 164 -25.90 -10.36 11.50
C GLY A 164 -27.09 -9.45 11.34
N PHE A 165 -28.22 -9.99 10.94
CA PHE A 165 -29.45 -9.24 10.68
C PHE A 165 -29.89 -8.41 11.88
N GLN A 166 -29.75 -7.09 11.80
CA GLN A 166 -30.17 -6.16 12.85
C GLN A 166 -31.52 -5.53 12.49
N PRO A 167 -32.43 -5.37 13.45
CA PRO A 167 -33.77 -4.85 13.10
C PRO A 167 -33.73 -3.48 12.43
N THR A 168 -32.73 -2.66 12.71
CA THR A 168 -32.66 -1.31 12.15
C THR A 168 -31.86 -1.25 10.85
N ASN A 169 -31.45 -2.38 10.29
CA ASN A 169 -30.79 -2.38 8.98
C ASN A 169 -31.69 -1.74 7.94
N GLY A 170 -31.06 -1.18 6.91
CA GLY A 170 -31.79 -0.85 5.71
C GLY A 170 -32.35 -2.11 5.06
N VAL A 171 -33.40 -1.91 4.25
CA VAL A 171 -34.16 -3.02 3.67
C VAL A 171 -33.26 -3.96 2.85
N GLY A 172 -32.24 -3.44 2.18
CA GLY A 172 -31.36 -4.29 1.39
C GLY A 172 -30.50 -5.22 2.22
N TYR A 173 -30.39 -4.95 3.51
CA TYR A 173 -29.61 -5.77 4.44
C TYR A 173 -30.49 -6.50 5.45
N GLN A 174 -31.80 -6.42 5.28
CA GLN A 174 -32.73 -7.17 6.11
C GLN A 174 -32.91 -8.58 5.57
N PRO A 175 -33.33 -9.52 6.42
CA PRO A 175 -33.51 -10.91 5.95
C PRO A 175 -34.77 -11.04 5.11
N TYR A 176 -34.67 -11.89 4.08
CA TYR A 176 -35.78 -12.27 3.23
C TYR A 176 -35.83 -13.78 3.20
N ARG A 177 -37.01 -14.34 3.40
CA ARG A 177 -37.23 -15.77 3.19
C ARG A 177 -37.57 -15.99 1.73
N VAL A 178 -37.02 -17.07 1.17
CA VAL A 178 -37.12 -17.33 -0.26
C VAL A 178 -37.62 -18.76 -0.42
N VAL A 179 -38.58 -18.95 -1.33
CA VAL A 179 -39.02 -20.26 -1.77
C VAL A 179 -38.83 -20.33 -3.27
N VAL A 180 -38.11 -21.36 -3.73
CA VAL A 180 -37.91 -21.63 -5.16
C VAL A 180 -38.67 -22.90 -5.50
N LEU A 181 -39.60 -22.80 -6.44
CA LEU A 181 -40.35 -23.96 -6.93
C LEU A 181 -39.82 -24.32 -8.31
N SER A 182 -39.33 -25.54 -8.47
N SER A 182 -39.32 -25.54 -8.47
CA SER A 182 -38.82 -26.03 -9.75
CA SER A 182 -38.84 -26.00 -9.77
C SER A 182 -39.67 -27.21 -10.18
C SER A 182 -39.64 -27.22 -10.19
N PHE A 183 -40.18 -27.17 -11.40
CA PHE A 183 -41.11 -28.20 -11.89
C PHE A 183 -40.41 -29.06 -12.93
N GLU A 184 -40.48 -30.37 -12.74
CA GLU A 184 -39.79 -31.32 -13.59
C GLU A 184 -40.77 -32.35 -14.13
N LEU A 185 -40.64 -32.68 -15.41
CA LEU A 185 -41.45 -33.71 -16.07
C LEU A 185 -40.52 -34.79 -16.61
N LEU A 186 -40.52 -35.97 -15.97
CA LEU A 186 -39.67 -37.09 -16.36
C LEU A 186 -38.19 -36.69 -16.42
N HIS A 187 -37.75 -35.97 -15.38
CA HIS A 187 -36.38 -35.50 -15.22
C HIS A 187 -35.97 -34.48 -16.29
N ALA A 188 -36.93 -33.86 -16.95
CA ALA A 188 -36.65 -32.72 -17.85
C ALA A 188 -37.51 -31.57 -17.35
N PRO A 189 -37.33 -30.34 -17.85
CA PRO A 189 -38.15 -29.24 -17.34
C PRO A 189 -39.62 -29.44 -17.70
N ALA A 190 -40.50 -29.04 -16.79
CA ALA A 190 -41.93 -29.14 -17.06
C ALA A 190 -42.32 -28.19 -18.18
N THR A 191 -43.36 -28.57 -18.93
CA THR A 191 -43.95 -27.71 -19.95
C THR A 191 -45.46 -27.76 -19.80
N VAL A 192 -46.12 -26.81 -20.47
CA VAL A 192 -47.57 -26.83 -20.60
C VAL A 192 -47.93 -27.79 -21.72
N CYS A 193 -48.48 -28.96 -21.35
CA CYS A 193 -48.64 -30.06 -22.29
C CYS A 193 -50.12 -30.32 -22.58
N GLY A 194 -50.37 -31.05 -23.67
CA GLY A 194 -51.72 -31.40 -24.07
C GLY A 194 -52.41 -30.29 -24.84
N PRO A 195 -53.70 -30.44 -25.12
CA PRO A 195 -54.41 -29.46 -25.95
C PRO A 195 -54.39 -28.06 -25.33
N LYS A 196 -53.96 -27.09 -26.13
CA LYS A 196 -53.85 -25.71 -25.67
C LYS A 196 -55.24 -25.08 -25.44
N GLN B 1 14.17 -19.23 15.91
CA GLN B 1 14.15 -17.84 15.50
C GLN B 1 14.15 -17.74 13.96
N VAL B 2 13.03 -17.29 13.40
CA VAL B 2 12.93 -17.14 11.96
C VAL B 2 13.94 -16.12 11.48
N GLN B 3 14.73 -16.50 10.46
CA GLN B 3 15.66 -15.57 9.84
C GLN B 3 15.58 -15.67 8.32
N LEU B 4 15.68 -14.50 7.66
CA LEU B 4 15.72 -14.40 6.21
C LEU B 4 16.91 -13.52 5.86
N VAL B 5 17.88 -14.07 5.13
CA VAL B 5 19.14 -13.41 4.87
C VAL B 5 19.30 -13.23 3.36
N GLU B 6 19.34 -11.99 2.92
CA GLU B 6 19.42 -11.69 1.50
C GLU B 6 20.87 -11.45 1.06
N SER B 7 21.12 -11.78 -0.20
CA SER B 7 22.42 -11.56 -0.81
C SER B 7 22.23 -11.43 -2.32
N GLY B 8 23.27 -10.96 -3.01
CA GLY B 8 23.28 -10.95 -4.46
C GLY B 8 23.14 -9.59 -5.09
N GLY B 9 22.89 -8.53 -4.31
CA GLY B 9 22.75 -7.19 -4.83
C GLY B 9 24.08 -6.54 -5.16
N GLY B 10 24.06 -5.22 -5.18
CA GLY B 10 25.25 -4.44 -5.45
C GLY B 10 25.08 -3.63 -6.72
N VAL B 11 26.20 -3.06 -7.17
CA VAL B 11 26.24 -2.28 -8.41
C VAL B 11 26.34 -3.23 -9.59
N VAL B 12 25.42 -3.11 -10.55
CA VAL B 12 25.43 -3.95 -11.75
C VAL B 12 25.12 -3.07 -12.96
N GLN B 13 25.79 -3.38 -14.07
CA GLN B 13 25.69 -2.57 -15.28
C GLN B 13 24.35 -2.80 -15.99
N PRO B 14 23.80 -1.75 -16.59
CA PRO B 14 22.57 -1.90 -17.38
C PRO B 14 22.73 -2.99 -18.44
N GLY B 15 21.64 -3.72 -18.70
CA GLY B 15 21.64 -4.77 -19.68
C GLY B 15 22.08 -6.13 -19.18
N ARG B 16 22.72 -6.20 -18.01
CA ARG B 16 23.21 -7.46 -17.49
C ARG B 16 22.12 -8.14 -16.66
N SER B 17 22.48 -9.24 -16.00
N SER B 17 22.48 -9.23 -16.00
CA SER B 17 21.56 -10.06 -15.24
CA SER B 17 21.53 -10.02 -15.23
C SER B 17 22.04 -10.19 -13.80
C SER B 17 22.03 -10.17 -13.81
N LEU B 18 21.10 -10.47 -12.89
CA LEU B 18 21.50 -10.77 -11.53
C LEU B 18 20.47 -11.71 -10.92
N ARG B 19 20.87 -12.37 -9.84
CA ARG B 19 19.95 -13.16 -9.03
C ARG B 19 20.11 -12.75 -7.57
N LEU B 20 19.03 -12.29 -6.95
CA LEU B 20 18.99 -12.09 -5.51
C LEU B 20 18.59 -13.39 -4.84
N SER B 21 19.21 -13.67 -3.68
CA SER B 21 18.89 -14.82 -2.85
C SER B 21 18.36 -14.36 -1.50
N CYS B 22 17.49 -15.17 -0.93
CA CYS B 22 16.89 -14.97 0.38
C CYS B 22 16.95 -16.33 1.05
N ALA B 23 17.95 -16.53 1.91
CA ALA B 23 18.19 -17.80 2.59
C ALA B 23 17.38 -17.82 3.89
N ALA B 24 16.56 -18.86 4.04
CA ALA B 24 15.66 -18.96 5.20
C ALA B 24 16.23 -19.92 6.23
N SER B 25 16.02 -19.61 7.51
CA SER B 25 16.37 -20.53 8.57
C SER B 25 15.38 -20.37 9.71
N GLY B 26 15.30 -21.41 10.53
CA GLY B 26 14.50 -21.38 11.74
C GLY B 26 13.03 -21.70 11.56
N PHE B 27 12.61 -22.15 10.38
CA PHE B 27 11.22 -22.52 10.15
C PHE B 27 11.17 -23.46 8.96
N THR B 28 10.03 -24.14 8.83
CA THR B 28 9.81 -25.05 7.71
C THR B 28 9.55 -24.22 6.46
N PHE B 29 10.60 -24.00 5.68
CA PHE B 29 10.54 -23.09 4.53
C PHE B 29 9.42 -23.47 3.57
N SER B 30 9.25 -24.78 3.32
CA SER B 30 8.30 -25.28 2.33
C SER B 30 6.85 -25.16 2.77
N SER B 31 6.57 -24.72 3.99
CA SER B 31 5.20 -24.47 4.45
C SER B 31 4.72 -23.04 4.20
N TYR B 32 5.52 -22.20 3.54
CA TYR B 32 5.21 -20.77 3.44
C TYR B 32 5.42 -20.26 2.02
N GLY B 33 4.42 -19.58 1.48
CA GLY B 33 4.66 -18.75 0.32
C GLY B 33 5.55 -17.56 0.67
N MET B 34 6.22 -17.04 -0.36
CA MET B 34 7.20 -15.97 -0.17
C MET B 34 6.96 -14.86 -1.18
N HIS B 35 7.20 -13.61 -0.76
CA HIS B 35 7.01 -12.44 -1.60
C HIS B 35 8.31 -11.65 -1.72
N TRP B 36 8.44 -10.93 -2.83
CA TRP B 36 9.43 -9.88 -2.97
C TRP B 36 8.69 -8.55 -3.10
N VAL B 37 9.22 -7.55 -2.37
CA VAL B 37 8.77 -6.16 -2.40
C VAL B 37 10.02 -5.31 -2.60
N ARG B 38 9.86 -4.13 -3.21
CA ARG B 38 11.02 -3.27 -3.40
C ARG B 38 10.67 -1.80 -3.12
N GLN B 39 11.72 -1.01 -2.97
CA GLN B 39 11.61 0.43 -2.71
C GLN B 39 12.74 1.15 -3.43
N ALA B 40 12.40 1.84 -4.51
CA ALA B 40 13.37 2.67 -5.22
C ALA B 40 13.83 3.81 -4.29
N PRO B 41 15.04 4.34 -4.51
CA PRO B 41 15.55 5.39 -3.62
C PRO B 41 14.58 6.57 -3.56
N GLY B 42 14.22 6.95 -2.34
CA GLY B 42 13.30 8.06 -2.12
C GLY B 42 11.87 7.82 -2.50
N LYS B 43 11.48 6.59 -2.84
CA LYS B 43 10.14 6.30 -3.34
C LYS B 43 9.41 5.38 -2.35
N GLY B 44 8.19 4.99 -2.73
CA GLY B 44 7.37 4.18 -1.85
C GLY B 44 7.60 2.69 -2.09
N LEU B 45 6.86 1.88 -1.33
CA LEU B 45 6.94 0.44 -1.50
C LEU B 45 6.26 0.00 -2.79
N GLU B 46 6.80 -1.05 -3.40
CA GLU B 46 6.26 -1.64 -4.62
C GLU B 46 6.22 -3.14 -4.44
N TRP B 47 5.09 -3.76 -4.72
CA TRP B 47 5.01 -5.22 -4.69
C TRP B 47 5.58 -5.79 -5.98
N VAL B 48 6.42 -6.84 -5.87
CA VAL B 48 7.15 -7.38 -7.01
C VAL B 48 6.63 -8.75 -7.42
N ALA B 49 6.61 -9.72 -6.50
CA ALA B 49 6.22 -11.05 -6.94
C ALA B 49 5.89 -11.92 -5.75
N VAL B 50 5.23 -13.05 -6.02
CA VAL B 50 4.92 -14.05 -5.00
C VAL B 50 5.10 -15.43 -5.61
N ILE B 51 5.59 -16.36 -4.79
CA ILE B 51 5.70 -17.77 -5.18
C ILE B 51 5.04 -18.64 -4.10
N TRP B 52 4.28 -19.64 -4.57
CA TRP B 52 3.59 -20.58 -3.69
C TRP B 52 4.59 -21.32 -2.82
N TYR B 53 4.11 -21.74 -1.65
CA TYR B 53 4.92 -22.57 -0.75
C TYR B 53 5.60 -23.73 -1.47
N ASP B 54 4.91 -24.36 -2.40
CA ASP B 54 5.44 -25.54 -3.10
C ASP B 54 6.05 -25.19 -4.45
N GLY B 55 6.26 -23.90 -4.74
CA GLY B 55 6.87 -23.52 -5.99
C GLY B 55 5.96 -23.54 -7.20
N SER B 56 4.65 -23.78 -7.02
CA SER B 56 3.77 -23.94 -8.17
C SER B 56 3.35 -22.56 -8.70
N ASP B 57 2.31 -21.97 -8.13
CA ASP B 57 1.82 -20.70 -8.65
C ASP B 57 2.82 -19.57 -8.39
N LYS B 58 2.95 -18.69 -9.39
CA LYS B 58 3.80 -17.51 -9.30
C LYS B 58 3.04 -16.34 -9.89
N TYR B 59 3.12 -15.17 -9.24
CA TYR B 59 2.49 -13.96 -9.76
C TYR B 59 3.47 -12.80 -9.68
N TYR B 60 3.30 -11.82 -10.58
CA TYR B 60 4.25 -10.73 -10.79
C TYR B 60 3.52 -9.40 -10.95
N ALA B 61 4.14 -8.32 -10.47
CA ALA B 61 3.70 -6.98 -10.81
C ALA B 61 3.70 -6.78 -12.33
N ASP B 62 2.72 -6.03 -12.84
CA ASP B 62 2.62 -5.80 -14.29
C ASP B 62 3.94 -5.29 -14.87
N SER B 63 4.64 -4.43 -14.13
CA SER B 63 5.82 -3.77 -14.66
C SER B 63 7.07 -4.64 -14.67
N VAL B 64 7.07 -5.80 -14.00
CA VAL B 64 8.24 -6.66 -13.93
C VAL B 64 8.03 -7.99 -14.65
N LYS B 65 6.81 -8.31 -15.05
CA LYS B 65 6.55 -9.61 -15.64
C LYS B 65 7.27 -9.77 -16.97
N GLY B 66 7.90 -10.92 -17.17
CA GLY B 66 8.63 -11.16 -18.39
C GLY B 66 10.13 -10.99 -18.22
N ARG B 67 10.55 -9.96 -17.48
CA ARG B 67 11.97 -9.76 -17.21
C ARG B 67 12.42 -10.29 -15.86
N PHE B 68 11.51 -10.43 -14.89
CA PHE B 68 11.81 -10.97 -13.57
C PHE B 68 11.28 -12.39 -13.48
N THR B 69 12.03 -13.26 -12.78
CA THR B 69 11.57 -14.63 -12.51
C THR B 69 11.76 -14.92 -11.02
N ILE B 70 10.69 -15.28 -10.36
CA ILE B 70 10.77 -15.69 -8.96
C ILE B 70 10.90 -17.20 -8.91
N SER B 71 11.70 -17.71 -7.99
CA SER B 71 11.84 -19.16 -7.88
C SER B 71 12.23 -19.52 -6.45
N ARG B 72 12.21 -20.81 -6.14
CA ARG B 72 12.67 -21.23 -4.83
C ARG B 72 13.27 -22.63 -4.93
N ASP B 73 14.26 -22.90 -4.09
CA ASP B 73 14.82 -24.23 -3.94
C ASP B 73 14.54 -24.67 -2.51
N ASN B 74 13.50 -25.50 -2.35
CA ASN B 74 13.13 -25.91 -1.01
C ASN B 74 14.16 -26.82 -0.40
N SER B 75 14.88 -27.60 -1.22
CA SER B 75 15.96 -28.43 -0.71
C SER B 75 17.12 -27.59 -0.16
N LYS B 76 17.20 -26.32 -0.53
CA LYS B 76 18.23 -25.43 -0.04
C LYS B 76 17.66 -24.33 0.84
N ASN B 77 16.36 -24.38 1.14
CA ASN B 77 15.67 -23.38 1.96
C ASN B 77 15.93 -21.96 1.46
N THR B 78 15.89 -21.78 0.14
CA THR B 78 16.27 -20.47 -0.40
C THR B 78 15.25 -20.00 -1.44
N LEU B 79 14.95 -18.70 -1.38
CA LEU B 79 14.11 -18.01 -2.34
C LEU B 79 14.98 -17.16 -3.26
N TYR B 80 14.58 -17.04 -4.52
CA TYR B 80 15.36 -16.29 -5.50
C TYR B 80 14.50 -15.31 -6.29
N LEU B 81 15.15 -14.26 -6.76
CA LEU B 81 14.57 -13.31 -7.71
C LEU B 81 15.62 -13.05 -8.78
N GLN B 82 15.35 -13.44 -10.00
CA GLN B 82 16.28 -13.30 -11.10
C GLN B 82 15.80 -12.19 -12.01
N ILE B 83 16.70 -11.28 -12.37
CA ILE B 83 16.39 -10.15 -13.23
C ILE B 83 17.28 -10.19 -14.45
N ASN B 84 16.67 -10.17 -15.63
CA ASN B 84 17.37 -10.06 -16.90
C ASN B 84 17.31 -8.62 -17.42
N SER B 85 18.28 -8.27 -18.26
CA SER B 85 18.33 -6.98 -18.95
C SER B 85 18.06 -5.81 -18.01
N LEU B 86 18.91 -5.71 -17.00
CA LEU B 86 18.75 -4.70 -15.95
C LEU B 86 18.66 -3.29 -16.52
N ARG B 87 17.83 -2.46 -15.91
CA ARG B 87 17.69 -1.08 -16.32
C ARG B 87 17.48 -0.20 -15.08
N ALA B 88 17.54 1.12 -15.30
CA ALA B 88 17.51 2.05 -14.17
C ALA B 88 16.24 1.90 -13.34
N GLU B 89 15.12 1.52 -13.96
CA GLU B 89 13.88 1.35 -13.21
C GLU B 89 13.96 0.20 -12.21
N ASP B 90 14.96 -0.67 -12.35
CA ASP B 90 15.15 -1.79 -11.43
C ASP B 90 15.92 -1.41 -10.16
N THR B 91 16.61 -0.27 -10.14
CA THR B 91 17.37 0.15 -8.97
C THR B 91 16.44 0.34 -7.77
N ALA B 92 16.78 -0.33 -6.65
CA ALA B 92 15.86 -0.36 -5.51
C ALA B 92 16.44 -1.21 -4.40
N MET B 93 15.92 -1.00 -3.20
CA MET B 93 16.11 -1.93 -2.09
C MET B 93 15.09 -3.04 -2.22
N TYR B 94 15.55 -4.27 -2.30
CA TYR B 94 14.69 -5.43 -2.47
C TYR B 94 14.59 -6.17 -1.14
N TYR B 95 13.36 -6.43 -0.69
CA TYR B 95 13.09 -7.19 0.50
C TYR B 95 12.32 -8.45 0.16
N CYS B 96 12.69 -9.55 0.81
CA CYS B 96 11.83 -10.74 0.82
C CYS B 96 10.97 -10.73 2.07
N ALA B 97 9.79 -11.32 1.97
CA ALA B 97 8.87 -11.41 3.10
C ALA B 97 8.16 -12.75 3.10
N ARG B 98 8.02 -13.33 4.28
CA ARG B 98 7.25 -14.56 4.45
C ARG B 98 5.77 -14.25 4.59
N GLU B 99 4.94 -15.02 3.89
CA GLU B 99 3.49 -14.93 4.06
C GLU B 99 3.05 -16.07 4.99
N ALA B 100 2.59 -15.70 6.18
CA ALA B 100 2.09 -16.67 7.15
C ALA B 100 0.65 -16.33 7.50
N THR B 101 -0.04 -17.27 8.15
CA THR B 101 -1.34 -16.91 8.70
C THR B 101 -1.24 -15.74 9.66
N ALA B 102 -0.07 -15.52 10.24
CA ALA B 102 0.11 -14.38 11.13
C ALA B 102 0.23 -13.04 10.40
N GLY B 103 0.37 -13.06 9.07
CA GLY B 103 0.59 -11.88 8.26
C GLY B 103 1.91 -11.96 7.53
N PHE B 104 2.36 -10.82 7.01
CA PHE B 104 3.74 -10.72 6.51
C PHE B 104 4.62 -10.51 7.74
N ASP B 105 4.97 -11.63 8.38
CA ASP B 105 5.46 -11.53 9.75
C ASP B 105 6.97 -11.53 9.88
N TYR B 106 7.71 -11.94 8.85
CA TYR B 106 9.16 -11.84 8.87
C TYR B 106 9.67 -11.35 7.52
N TRP B 107 10.74 -10.54 7.57
CA TRP B 107 11.30 -9.87 6.40
C TRP B 107 12.79 -10.11 6.32
N GLY B 108 13.34 -10.13 5.10
CA GLY B 108 14.77 -10.06 4.95
C GLY B 108 15.28 -8.67 5.31
N GLN B 109 16.61 -8.56 5.40
CA GLN B 109 17.23 -7.30 5.81
C GLN B 109 17.29 -6.29 4.66
N GLY B 110 17.02 -6.74 3.44
CA GLY B 110 17.06 -5.86 2.29
C GLY B 110 18.38 -6.03 1.58
N ASN B 111 18.35 -6.01 0.25
CA ASN B 111 19.57 -5.91 -0.54
C ASN B 111 19.39 -4.82 -1.59
N LEU B 112 20.34 -3.92 -1.66
CA LEU B 112 20.26 -2.80 -2.59
C LEU B 112 20.80 -3.21 -3.96
N VAL B 113 19.99 -3.06 -4.99
CA VAL B 113 20.41 -3.24 -6.38
C VAL B 113 20.59 -1.86 -7.00
N THR B 114 21.80 -1.55 -7.46
CA THR B 114 22.10 -0.27 -8.10
C THR B 114 22.48 -0.52 -9.55
N VAL B 115 21.62 -0.14 -10.48
CA VAL B 115 21.88 -0.34 -11.89
C VAL B 115 22.57 0.92 -12.43
N SER B 116 23.86 0.81 -12.75
CA SER B 116 24.66 1.99 -13.11
C SER B 116 25.89 1.55 -13.88
N SER B 117 26.32 2.40 -14.83
CA SER B 117 27.60 2.25 -15.50
C SER B 117 28.77 2.83 -14.73
N ALA B 118 28.51 3.51 -13.61
CA ALA B 118 29.58 4.21 -12.94
C ALA B 118 30.55 3.24 -12.28
N SER B 119 31.78 3.71 -12.09
CA SER B 119 32.80 3.04 -11.30
C SER B 119 32.92 3.71 -9.93
N THR B 120 33.50 2.98 -8.99
CA THR B 120 33.80 3.58 -7.69
C THR B 120 34.68 4.82 -7.87
N LYS B 121 34.38 5.87 -7.12
CA LYS B 121 35.12 7.13 -7.23
C LYS B 121 35.00 7.86 -5.90
N GLY B 122 36.14 8.26 -5.33
CA GLY B 122 36.13 9.04 -4.10
C GLY B 122 35.74 10.49 -4.37
N PRO B 123 35.19 11.16 -3.35
CA PRO B 123 34.70 12.52 -3.55
C PRO B 123 35.80 13.57 -3.64
N SER B 124 35.46 14.66 -4.34
CA SER B 124 36.17 15.92 -4.20
C SER B 124 35.45 16.76 -3.15
N VAL B 125 36.21 17.39 -2.25
CA VAL B 125 35.63 18.14 -1.14
C VAL B 125 36.03 19.60 -1.27
N PHE B 126 35.02 20.48 -1.36
CA PHE B 126 35.24 21.91 -1.50
C PHE B 126 34.65 22.65 -0.31
N PRO B 127 35.27 23.75 0.12
CA PRO B 127 34.70 24.53 1.22
C PRO B 127 33.47 25.31 0.77
N LEU B 128 32.53 25.44 1.69
CA LEU B 128 31.44 26.41 1.66
C LEU B 128 31.81 27.47 2.70
N ALA B 129 32.49 28.52 2.24
CA ALA B 129 33.12 29.45 3.17
C ALA B 129 32.10 30.36 3.83
N PRO B 130 32.32 30.74 5.08
CA PRO B 130 31.42 31.71 5.73
C PRO B 130 31.53 33.08 5.09
N SER B 131 30.38 33.74 4.94
CA SER B 131 30.33 35.06 4.32
C SER B 131 31.08 36.09 5.17
N SER B 132 31.75 37.02 4.47
CA SER B 132 32.50 38.07 5.15
C SER B 132 31.60 39.12 5.78
N LYS B 133 30.32 39.15 5.44
CA LYS B 133 29.34 40.06 6.02
C LYS B 133 28.77 39.55 7.35
N SER B 134 29.33 38.48 7.91
CA SER B 134 28.87 37.92 9.17
C SER B 134 29.24 38.87 10.31
N THR B 135 28.24 39.60 10.82
CA THR B 135 28.46 40.63 11.83
C THR B 135 28.46 40.03 13.23
N SER B 136 29.16 40.71 14.14
CA SER B 136 29.24 40.28 15.54
C SER B 136 27.85 40.17 16.15
N GLY B 137 27.69 39.22 17.07
CA GLY B 137 26.40 38.91 17.64
C GLY B 137 25.51 38.05 16.76
N GLY B 138 25.87 37.87 15.49
CA GLY B 138 25.07 37.11 14.56
C GLY B 138 25.49 35.65 14.46
N THR B 139 24.85 34.95 13.53
CA THR B 139 25.09 33.55 13.25
C THR B 139 25.65 33.41 11.84
N ALA B 140 26.70 32.63 11.68
CA ALA B 140 27.31 32.33 10.39
C ALA B 140 27.06 30.87 10.03
N ALA B 141 26.96 30.61 8.73
CA ALA B 141 26.83 29.26 8.20
C ALA B 141 28.07 28.95 7.37
N LEU B 142 28.56 27.73 7.51
CA LEU B 142 29.70 27.29 6.72
C LEU B 142 29.49 25.80 6.44
N GLY B 143 30.31 25.25 5.55
CA GLY B 143 30.10 23.84 5.24
C GLY B 143 31.14 23.31 4.29
N CYS B 144 30.85 22.11 3.78
CA CYS B 144 31.65 21.40 2.81
C CYS B 144 30.72 20.80 1.76
N LEU B 145 31.09 20.99 0.51
CA LEU B 145 30.44 20.32 -0.62
C LEU B 145 31.25 19.08 -0.94
N VAL B 146 30.57 17.94 -0.95
CA VAL B 146 31.17 16.62 -1.14
C VAL B 146 30.65 16.11 -2.49
N LYS B 147 31.47 16.26 -3.53
CA LYS B 147 30.97 16.16 -4.89
C LYS B 147 31.61 15.00 -5.64
N ASP B 148 30.80 14.35 -6.49
CA ASP B 148 31.26 13.40 -7.49
C ASP B 148 31.89 12.15 -6.87
N TYR B 149 31.09 11.37 -6.16
CA TYR B 149 31.53 10.10 -5.59
C TYR B 149 30.55 9.00 -5.96
N PHE B 150 31.03 7.75 -5.83
CA PHE B 150 30.21 6.58 -6.13
C PHE B 150 30.88 5.36 -5.52
N PRO B 151 30.11 4.40 -4.96
CA PRO B 151 28.68 4.50 -4.73
C PRO B 151 28.44 5.22 -3.40
N GLU B 152 27.19 5.26 -2.97
CA GLU B 152 26.90 5.68 -1.60
C GLU B 152 27.46 4.64 -0.62
N PRO B 153 27.73 5.03 0.63
CA PRO B 153 27.59 6.37 1.20
C PRO B 153 28.90 7.06 1.53
N VAL B 154 28.82 8.35 1.84
N VAL B 154 28.78 8.33 1.90
CA VAL B 154 29.89 9.06 2.50
CA VAL B 154 29.85 9.14 2.47
C VAL B 154 29.40 9.37 3.91
C VAL B 154 29.41 9.55 3.87
N THR B 155 30.35 9.61 4.80
CA THR B 155 30.06 10.13 6.13
C THR B 155 30.81 11.44 6.29
N VAL B 156 30.20 12.36 7.04
CA VAL B 156 30.80 13.66 7.32
C VAL B 156 30.70 13.92 8.81
N SER B 157 31.82 14.29 9.42
CA SER B 157 31.83 14.83 10.77
C SER B 157 32.48 16.20 10.74
N TRP B 158 32.41 16.91 11.85
CA TRP B 158 33.05 18.21 11.97
C TRP B 158 33.96 18.20 13.19
N ASN B 159 35.17 18.73 13.01
CA ASN B 159 36.16 18.80 14.08
C ASN B 159 36.32 17.43 14.77
N SER B 160 36.44 16.40 13.93
CA SER B 160 36.70 15.03 14.37
C SER B 160 35.64 14.52 15.34
N GLY B 161 34.43 15.06 15.25
CA GLY B 161 33.32 14.59 16.06
C GLY B 161 32.94 15.49 17.22
N ALA B 162 33.71 16.56 17.47
CA ALA B 162 33.43 17.45 18.59
C ALA B 162 32.30 18.43 18.28
N LEU B 163 32.15 18.84 17.03
CA LEU B 163 31.13 19.80 16.61
C LEU B 163 29.94 19.03 16.08
N THR B 164 28.84 19.03 16.83
CA THR B 164 27.64 18.33 16.40
C THR B 164 26.43 19.24 16.37
N SER B 165 26.41 20.27 17.21
CA SER B 165 25.25 21.14 17.29
C SER B 165 25.12 22.00 16.04
N GLY B 166 23.92 22.06 15.50
CA GLY B 166 23.68 22.85 14.30
C GLY B 166 24.25 22.27 13.03
N VAL B 167 24.71 21.03 13.05
CA VAL B 167 25.20 20.36 11.84
C VAL B 167 24.00 19.75 11.11
N HIS B 168 23.95 19.98 9.80
CA HIS B 168 22.98 19.34 8.91
C HIS B 168 23.75 18.75 7.74
N THR B 169 23.71 17.44 7.60
CA THR B 169 24.32 16.78 6.46
C THR B 169 23.20 16.28 5.55
N PHE B 170 23.14 16.79 4.33
CA PHE B 170 21.98 16.54 3.49
C PHE B 170 22.06 15.17 2.84
N PRO B 171 20.91 14.60 2.48
CA PRO B 171 20.89 13.37 1.69
C PRO B 171 21.60 13.58 0.36
N ALA B 172 22.30 12.54 -0.09
CA ALA B 172 22.98 12.61 -1.37
C ALA B 172 21.97 12.81 -2.50
N VAL B 173 22.42 13.47 -3.57
CA VAL B 173 21.67 13.61 -4.80
C VAL B 173 22.45 12.92 -5.91
N LEU B 174 21.74 12.18 -6.75
CA LEU B 174 22.34 11.55 -7.92
C LEU B 174 22.35 12.54 -9.07
N GLN B 175 23.55 12.88 -9.53
CA GLN B 175 23.70 13.79 -10.65
C GLN B 175 23.50 13.04 -11.98
N SER B 176 23.29 13.83 -13.05
CA SER B 176 23.11 13.23 -14.37
C SER B 176 24.36 12.48 -14.84
N SER B 177 25.51 12.76 -14.24
CA SER B 177 26.74 12.01 -14.54
C SER B 177 26.72 10.59 -13.99
N GLY B 178 25.77 10.28 -13.11
CA GLY B 178 25.78 9.02 -12.40
C GLY B 178 26.55 9.02 -11.10
N LEU B 179 27.18 10.12 -10.73
CA LEU B 179 27.86 10.24 -9.44
C LEU B 179 27.00 11.03 -8.46
N TYR B 180 27.24 10.79 -7.18
CA TYR B 180 26.49 11.48 -6.13
C TYR B 180 27.20 12.75 -5.66
N SER B 181 26.43 13.60 -4.99
N SER B 181 26.44 13.58 -4.95
CA SER B 181 26.97 14.77 -4.32
CA SER B 181 26.95 14.83 -4.37
C SER B 181 26.08 15.08 -3.12
C SER B 181 26.06 15.19 -3.18
N LEU B 182 26.68 15.75 -2.13
CA LEU B 182 25.92 16.24 -0.99
C LEU B 182 26.68 17.38 -0.35
N SER B 183 25.98 18.12 0.49
CA SER B 183 26.62 19.15 1.29
C SER B 183 26.40 18.86 2.77
N SER B 184 27.34 19.29 3.59
CA SER B 184 27.17 19.28 5.05
C SER B 184 27.47 20.67 5.54
N VAL B 185 26.60 21.20 6.39
CA VAL B 185 26.66 22.58 6.82
C VAL B 185 26.53 22.63 8.34
N VAL B 186 26.98 23.74 8.90
CA VAL B 186 26.85 23.98 10.33
C VAL B 186 26.75 25.48 10.51
N THR B 187 25.96 25.89 11.50
CA THR B 187 25.85 27.29 11.90
C THR B 187 26.57 27.46 13.23
N VAL B 188 27.36 28.52 13.33
CA VAL B 188 28.19 28.82 14.49
C VAL B 188 28.10 30.31 14.75
N PRO B 189 28.47 30.74 15.96
CA PRO B 189 28.50 32.20 16.22
C PRO B 189 29.49 32.90 15.28
N SER B 190 29.06 34.02 14.72
CA SER B 190 29.94 34.81 13.86
C SER B 190 31.22 35.21 14.60
N SER B 191 31.09 35.55 15.88
CA SER B 191 32.24 35.97 16.68
C SER B 191 33.31 34.88 16.77
N SER B 192 32.94 33.61 16.59
CA SER B 192 33.92 32.54 16.65
C SER B 192 34.73 32.39 15.37
N LEU B 193 34.30 33.01 14.25
CA LEU B 193 34.98 32.79 12.98
C LEU B 193 36.46 33.15 13.04
N GLY B 194 36.84 34.05 13.95
CA GLY B 194 38.23 34.39 14.10
C GLY B 194 38.99 33.43 14.98
N THR B 195 38.37 32.98 16.08
CA THR B 195 39.09 32.19 17.06
C THR B 195 39.13 30.70 16.73
N GLN B 196 37.97 30.11 16.45
CA GLN B 196 37.82 28.67 16.34
C GLN B 196 37.95 28.20 14.89
N THR B 197 38.63 27.08 14.71
CA THR B 197 38.82 26.50 13.38
C THR B 197 37.76 25.44 13.13
N TYR B 198 37.42 25.26 11.84
CA TYR B 198 36.37 24.33 11.44
C TYR B 198 36.89 23.44 10.33
N ILE B 199 36.82 22.13 10.56
CA ILE B 199 37.34 21.12 9.65
C ILE B 199 36.25 20.07 9.45
N CYS B 200 35.92 19.77 8.20
CA CYS B 200 35.00 18.68 7.91
C CYS B 200 35.81 17.43 7.58
N ASN B 201 35.40 16.31 8.17
CA ASN B 201 36.03 15.02 7.99
C ASN B 201 35.10 14.17 7.13
N VAL B 202 35.50 13.95 5.89
CA VAL B 202 34.74 13.22 4.91
C VAL B 202 35.35 11.84 4.76
N ASN B 203 34.54 10.79 4.90
CA ASN B 203 34.99 9.42 4.73
C ASN B 203 34.17 8.75 3.65
N HIS B 204 34.85 8.09 2.71
CA HIS B 204 34.20 7.31 1.66
C HIS B 204 34.88 5.94 1.66
N LYS B 205 34.28 4.98 2.38
CA LYS B 205 34.84 3.63 2.50
C LYS B 205 35.09 2.95 1.16
N PRO B 206 34.18 2.96 0.19
CA PRO B 206 34.43 2.20 -1.05
C PRO B 206 35.72 2.58 -1.76
N SER B 207 36.15 3.84 -1.70
CA SER B 207 37.40 4.28 -2.31
C SER B 207 38.53 4.39 -1.31
N ASN B 208 38.32 3.99 -0.06
CA ASN B 208 39.29 4.20 1.03
C ASN B 208 39.73 5.66 1.07
N THR B 209 38.76 6.57 0.94
CA THR B 209 39.07 8.00 0.92
C THR B 209 38.77 8.60 2.28
N LYS B 210 39.72 9.37 2.81
CA LYS B 210 39.50 10.20 3.97
C LYS B 210 40.07 11.58 3.66
N VAL B 211 39.25 12.61 3.84
CA VAL B 211 39.67 13.98 3.55
C VAL B 211 39.27 14.84 4.74
N ASP B 212 40.22 15.62 5.25
CA ASP B 212 39.92 16.66 6.23
C ASP B 212 40.09 17.99 5.53
N LYS B 213 39.00 18.73 5.38
CA LYS B 213 39.01 20.02 4.69
C LYS B 213 38.79 21.13 5.72
N LYS B 214 39.74 22.05 5.79
CA LYS B 214 39.59 23.21 6.66
C LYS B 214 38.75 24.26 5.94
N VAL B 215 37.77 24.80 6.64
CA VAL B 215 36.87 25.80 6.09
C VAL B 215 37.14 27.12 6.80
N GLU B 216 37.56 28.13 6.05
CA GLU B 216 38.01 29.41 6.58
C GLU B 216 37.28 30.56 5.89
N PRO B 217 37.16 31.71 6.56
CA PRO B 217 36.74 32.92 5.85
C PRO B 217 37.77 33.27 4.78
N LYS B 218 37.28 33.55 3.58
CA LYS B 218 38.18 33.76 2.45
C LYS B 218 38.92 35.09 2.55
N ASN C 1 -3.53 -4.04 -13.10
CA ASN C 1 -3.41 -3.91 -11.66
C ASN C 1 -4.49 -2.98 -11.11
N ILE C 2 -4.80 -3.11 -9.82
CA ILE C 2 -5.77 -2.25 -9.17
C ILE C 2 -5.03 -1.07 -8.56
N GLN C 3 -5.39 0.15 -8.97
CA GLN C 3 -4.70 1.34 -8.50
C GLN C 3 -5.18 1.73 -7.10
N MET C 4 -4.23 1.90 -6.18
CA MET C 4 -4.50 2.32 -4.80
C MET C 4 -3.99 3.75 -4.60
N THR C 5 -4.84 4.61 -4.03
CA THR C 5 -4.52 6.03 -3.83
C THR C 5 -4.76 6.41 -2.39
N GLN C 6 -3.71 6.87 -1.71
CA GLN C 6 -3.83 7.33 -0.33
C GLN C 6 -3.97 8.84 -0.28
N SER C 7 -4.63 9.32 0.78
CA SER C 7 -4.73 10.74 1.00
C SER C 7 -4.82 10.98 2.49
N PRO C 8 -4.16 12.04 3.01
CA PRO C 8 -3.27 12.93 2.25
C PRO C 8 -1.94 12.25 1.94
N SER C 9 -1.03 12.91 1.20
CA SER C 9 0.29 12.33 1.06
C SER C 9 1.18 12.62 2.26
N ALA C 10 0.88 13.66 3.03
CA ALA C 10 1.61 13.97 4.25
C ALA C 10 0.68 14.75 5.16
N MET C 11 0.87 14.55 6.47
CA MET C 11 0.09 15.27 7.47
C MET C 11 0.92 15.40 8.74
N SER C 12 0.62 16.44 9.52
CA SER C 12 1.33 16.73 10.76
C SER C 12 0.36 16.63 11.93
N ALA C 13 0.89 16.24 13.09
CA ALA C 13 0.07 16.03 14.28
C ALA C 13 1.00 15.99 15.48
N SER C 14 0.41 15.92 16.67
CA SER C 14 1.15 15.90 17.91
C SER C 14 0.80 14.66 18.72
N VAL C 15 1.73 14.28 19.61
CA VAL C 15 1.49 13.21 20.57
C VAL C 15 0.14 13.44 21.24
N GLY C 16 -0.67 12.38 21.33
CA GLY C 16 -1.98 12.44 21.94
C GLY C 16 -3.12 12.73 20.99
N ASP C 17 -2.84 13.17 19.77
CA ASP C 17 -3.88 13.47 18.79
C ASP C 17 -4.41 12.20 18.13
N ARG C 18 -5.57 12.34 17.50
N ARG C 18 -5.57 12.36 17.47
CA ARG C 18 -6.14 11.31 16.64
CA ARG C 18 -6.17 11.33 16.64
C ARG C 18 -5.93 11.71 15.19
C ARG C 18 -5.96 11.71 15.18
N VAL C 19 -5.56 10.74 14.36
CA VAL C 19 -5.26 11.00 12.95
C VAL C 19 -5.99 9.99 12.08
N THR C 20 -6.43 10.43 10.91
CA THR C 20 -7.13 9.56 9.97
C THR C 20 -6.48 9.62 8.60
N ILE C 21 -6.15 8.45 8.04
CA ILE C 21 -5.52 8.30 6.74
C ILE C 21 -6.48 7.53 5.85
N THR C 22 -6.63 7.95 4.60
CA THR C 22 -7.57 7.34 3.68
C THR C 22 -6.83 6.59 2.57
N CYS C 23 -7.41 5.46 2.18
CA CYS C 23 -6.92 4.65 1.07
C CYS C 23 -8.10 4.27 0.20
N ARG C 24 -8.02 4.59 -1.10
CA ARG C 24 -9.08 4.31 -2.05
C ARG C 24 -8.59 3.38 -3.14
N ALA C 25 -9.36 2.34 -3.43
CA ALA C 25 -9.07 1.41 -4.51
C ALA C 25 -9.90 1.77 -5.73
N ARG C 26 -9.28 1.75 -6.91
CA ARG C 26 -10.00 2.11 -8.13
C ARG C 26 -11.02 1.05 -8.52
N GLN C 27 -10.80 -0.20 -8.11
CA GLN C 27 -11.77 -1.28 -8.27
C GLN C 27 -12.12 -1.83 -6.89
N ASP C 28 -13.28 -2.48 -6.81
CA ASP C 28 -13.72 -3.06 -5.55
C ASP C 28 -12.75 -4.15 -5.09
N ILE C 29 -12.37 -4.10 -3.82
CA ILE C 29 -11.42 -5.07 -3.30
C ILE C 29 -12.01 -5.73 -2.05
N SER C 30 -13.32 -5.60 -1.88
CA SER C 30 -14.06 -6.20 -0.75
C SER C 30 -13.44 -5.69 0.54
N SER C 31 -13.11 -6.54 1.51
CA SER C 31 -12.51 -6.10 2.76
C SER C 31 -11.03 -6.43 2.86
N TYR C 32 -10.37 -6.77 1.75
CA TYR C 32 -9.02 -7.33 1.82
C TYR C 32 -7.98 -6.23 1.57
N LEU C 33 -7.80 -5.42 2.60
CA LEU C 33 -6.85 -4.31 2.57
C LEU C 33 -5.93 -4.40 3.77
N ALA C 34 -4.62 -4.26 3.54
CA ALA C 34 -3.62 -4.32 4.59
C ALA C 34 -3.00 -2.94 4.80
N TRP C 35 -2.47 -2.73 6.00
CA TRP C 35 -1.75 -1.51 6.34
C TRP C 35 -0.38 -1.88 6.87
N PHE C 36 0.62 -1.08 6.47
CA PHE C 36 2.02 -1.22 6.83
C PHE C 36 2.55 0.09 7.37
N GLN C 37 3.53 -0.02 8.25
CA GLN C 37 4.27 1.12 8.77
C GLN C 37 5.74 0.99 8.37
N GLN C 38 6.35 2.10 7.97
CA GLN C 38 7.78 2.09 7.70
C GLN C 38 8.41 3.39 8.20
N LYS C 39 9.47 3.26 8.88
CA LYS C 39 10.35 4.35 9.30
C LYS C 39 11.57 4.43 8.38
N PRO C 40 12.19 5.59 8.22
CA PRO C 40 13.15 5.76 7.13
C PRO C 40 14.30 4.75 7.19
N GLY C 41 14.55 4.11 6.06
CA GLY C 41 15.62 3.14 5.96
C GLY C 41 15.39 1.82 6.65
N LYS C 42 14.22 1.60 7.24
CA LYS C 42 13.92 0.41 8.02
C LYS C 42 12.98 -0.53 7.25
N VAL C 43 12.93 -1.77 7.72
CA VAL C 43 12.06 -2.78 7.09
C VAL C 43 10.61 -2.42 7.37
N PRO C 44 9.68 -2.59 6.42
CA PRO C 44 8.27 -2.33 6.73
C PRO C 44 7.74 -3.28 7.79
N LYS C 45 6.72 -2.82 8.52
CA LYS C 45 6.04 -3.60 9.53
C LYS C 45 4.58 -3.72 9.15
N HIS C 46 4.10 -4.96 9.02
CA HIS C 46 2.70 -5.24 8.73
C HIS C 46 1.86 -4.99 9.98
N LEU C 47 0.86 -4.12 9.87
CA LEU C 47 0.01 -3.74 10.99
C LEU C 47 -1.37 -4.38 10.93
N ILE C 48 -2.01 -4.34 9.77
CA ILE C 48 -3.41 -4.73 9.67
C ILE C 48 -3.61 -5.53 8.39
N TYR C 49 -4.50 -6.53 8.44
CA TYR C 49 -4.95 -7.19 7.22
C TYR C 49 -6.47 -7.34 7.24
N ALA C 50 -7.04 -7.60 6.07
CA ALA C 50 -8.50 -7.75 5.92
C ALA C 50 -9.24 -6.53 6.48
N ALA C 51 -8.66 -5.35 6.23
CA ALA C 51 -9.20 -4.03 6.54
C ALA C 51 -9.17 -3.68 8.02
N SER C 52 -9.44 -4.64 8.90
CA SER C 52 -9.62 -4.29 10.30
C SER C 52 -9.01 -5.28 11.29
N THR C 53 -8.28 -6.31 10.84
CA THR C 53 -7.69 -7.27 11.78
C THR C 53 -6.26 -6.86 12.09
N LEU C 54 -5.98 -6.62 13.37
CA LEU C 54 -4.63 -6.37 13.83
C LEU C 54 -3.78 -7.63 13.77
N LEU C 55 -2.54 -7.50 13.31
CA LEU C 55 -1.57 -8.56 13.57
C LEU C 55 -1.31 -8.65 15.08
N SER C 56 -0.94 -9.86 15.54
CA SER C 56 -0.66 -10.01 16.95
C SER C 56 0.45 -9.06 17.37
N GLY C 57 0.29 -8.45 18.55
CA GLY C 57 1.26 -7.52 19.05
C GLY C 57 1.05 -6.07 18.63
N VAL C 58 0.19 -5.80 17.65
CA VAL C 58 0.01 -4.43 17.15
C VAL C 58 -0.96 -3.69 18.07
N PRO C 59 -0.61 -2.49 18.52
CA PRO C 59 -1.47 -1.78 19.48
C PRO C 59 -2.84 -1.44 18.88
N SER C 60 -3.86 -1.51 19.72
N SER C 60 -3.87 -1.51 19.71
CA SER C 60 -5.24 -1.29 19.29
CA SER C 60 -5.22 -1.29 19.21
C SER C 60 -5.53 0.17 18.99
C SER C 60 -5.55 0.18 19.00
N ARG C 61 -4.63 1.08 19.34
CA ARG C 61 -4.80 2.47 18.90
C ARG C 61 -4.77 2.59 17.38
N PHE C 62 -4.24 1.57 16.68
CA PHE C 62 -4.35 1.47 15.23
C PHE C 62 -5.66 0.76 14.89
N SER C 63 -6.55 1.47 14.20
CA SER C 63 -7.87 0.94 13.89
C SER C 63 -8.13 1.07 12.40
N GLY C 64 -8.33 -0.05 11.73
CA GLY C 64 -8.63 -0.06 10.31
C GLY C 64 -10.11 -0.25 10.10
N SER C 65 -10.64 0.40 9.05
CA SER C 65 -12.03 0.17 8.68
C SER C 65 -12.22 0.43 7.19
N GLY C 66 -13.42 0.11 6.72
CA GLY C 66 -13.79 0.34 5.34
C GLY C 66 -14.03 -0.95 4.59
N SER C 67 -14.56 -0.79 3.37
CA SER C 67 -14.90 -1.97 2.57
C SER C 67 -15.24 -1.53 1.16
N GLY C 68 -14.92 -2.38 0.19
CA GLY C 68 -15.19 -2.08 -1.20
C GLY C 68 -14.08 -1.26 -1.84
N THR C 69 -14.20 0.06 -1.79
CA THR C 69 -13.18 0.92 -2.37
C THR C 69 -12.67 2.00 -1.43
N GLU C 70 -13.33 2.24 -0.29
CA GLU C 70 -12.95 3.30 0.63
C GLU C 70 -12.56 2.69 1.97
N PHE C 71 -11.36 3.04 2.43
CA PHE C 71 -10.78 2.46 3.64
C PHE C 71 -10.07 3.55 4.41
N THR C 72 -10.03 3.41 5.72
CA THR C 72 -9.36 4.37 6.59
C THR C 72 -8.53 3.65 7.63
N LEU C 73 -7.39 4.26 7.96
CA LEU C 73 -6.58 3.90 9.11
C LEU C 73 -6.67 5.07 10.10
N THR C 74 -7.20 4.80 11.28
CA THR C 74 -7.33 5.79 12.33
C THR C 74 -6.37 5.44 13.45
N ILE C 75 -5.50 6.39 13.81
CA ILE C 75 -4.57 6.21 14.91
C ILE C 75 -5.02 7.15 16.03
N SER C 76 -5.53 6.56 17.10
CA SER C 76 -5.90 7.35 18.28
C SER C 76 -4.68 7.53 19.19
N SER C 77 -4.71 8.61 19.96
CA SER C 77 -3.69 8.94 20.94
C SER C 77 -2.29 8.60 20.44
N LEU C 78 -1.81 9.36 19.47
CA LEU C 78 -0.49 9.15 18.89
C LEU C 78 0.59 9.11 19.98
N GLN C 79 1.52 8.19 19.82
CA GLN C 79 2.72 8.10 20.64
C GLN C 79 3.93 8.45 19.77
N PRO C 80 5.05 8.86 20.39
CA PRO C 80 6.21 9.31 19.57
C PRO C 80 6.67 8.32 18.53
N GLU C 81 6.55 7.02 18.80
CA GLU C 81 6.98 5.98 17.87
C GLU C 81 6.07 5.86 16.64
N ASP C 82 4.96 6.57 16.61
CA ASP C 82 3.98 6.45 15.53
C ASP C 82 4.28 7.34 14.34
N PHE C 83 5.16 8.33 14.48
CA PHE C 83 5.49 9.18 13.34
C PHE C 83 6.37 8.41 12.36
N ALA C 84 5.89 8.32 11.12
CA ALA C 84 6.36 7.30 10.19
C ALA C 84 5.54 7.38 8.91
N THR C 85 5.88 6.59 7.89
CA THR C 85 5.08 6.56 6.68
C THR C 85 4.21 5.31 6.71
N TYR C 86 2.96 5.47 6.29
CA TYR C 86 1.99 4.37 6.31
C TYR C 86 1.54 4.07 4.90
N TYR C 87 1.47 2.78 4.56
CA TYR C 87 1.12 2.32 3.24
C TYR C 87 -0.05 1.36 3.33
N CYS C 88 -1.03 1.52 2.46
CA CYS C 88 -2.01 0.45 2.29
C CYS C 88 -1.60 -0.46 1.15
N LEU C 89 -2.18 -1.65 1.14
CA LEU C 89 -1.91 -2.65 0.13
C LEU C 89 -3.17 -3.49 -0.06
N GLN C 90 -3.72 -3.54 -1.26
CA GLN C 90 -4.82 -4.47 -1.48
C GLN C 90 -4.26 -5.88 -1.62
N HIS C 91 -4.84 -6.83 -0.87
CA HIS C 91 -4.47 -8.23 -1.01
C HIS C 91 -5.66 -9.07 -1.46
N ASN C 92 -6.52 -8.48 -2.28
CA ASN C 92 -7.68 -9.21 -2.78
C ASN C 92 -7.38 -9.96 -4.07
N SER C 93 -6.54 -9.41 -4.95
CA SER C 93 -6.25 -10.09 -6.20
C SER C 93 -4.82 -9.80 -6.63
N TYR C 94 -4.29 -10.71 -7.44
CA TYR C 94 -2.92 -10.50 -7.91
C TYR C 94 -2.93 -9.65 -9.18
N PRO C 95 -1.95 -8.75 -9.38
CA PRO C 95 -0.84 -8.50 -8.45
C PRO C 95 -1.26 -7.62 -7.27
N TYR C 96 -0.74 -7.92 -6.07
CA TYR C 96 -0.94 -7.01 -4.95
C TYR C 96 -0.37 -5.64 -5.30
N THR C 97 -1.00 -4.59 -4.76
CA THR C 97 -0.58 -3.23 -5.10
C THR C 97 -0.65 -2.34 -3.87
N PHE C 98 0.37 -1.49 -3.71
CA PHE C 98 0.49 -0.55 -2.61
C PHE C 98 -0.09 0.80 -3.02
N GLY C 99 -0.63 1.52 -2.03
CA GLY C 99 -0.80 2.96 -2.17
C GLY C 99 0.55 3.67 -2.10
N GLN C 100 0.55 4.98 -2.39
CA GLN C 100 1.83 5.68 -2.49
C GLN C 100 2.38 6.08 -1.12
N GLY C 101 1.63 5.91 -0.05
CA GLY C 101 2.14 6.21 1.27
C GLY C 101 1.66 7.56 1.78
N THR C 102 1.50 7.64 3.10
CA THR C 102 1.20 8.90 3.79
C THR C 102 2.25 9.10 4.87
N LYS C 103 2.94 10.23 4.84
CA LYS C 103 3.94 10.52 5.87
C LYS C 103 3.30 11.27 7.03
N LEU C 104 3.45 10.72 8.22
CA LEU C 104 2.93 11.30 9.46
C LEU C 104 4.11 11.95 10.18
N GLU C 105 4.11 13.29 10.23
CA GLU C 105 5.18 14.10 10.76
C GLU C 105 4.73 14.88 12.01
N ILE C 106 5.72 15.42 12.72
CA ILE C 106 5.48 16.12 13.99
C ILE C 106 5.11 17.57 13.70
N ASN C 107 3.97 17.99 14.22
CA ASN C 107 3.54 19.37 14.05
C ASN C 107 4.32 20.28 15.00
N ARG C 108 4.56 21.51 14.56
CA ARG C 108 5.19 22.52 15.39
C ARG C 108 4.85 23.90 14.82
N THR C 109 5.25 24.93 15.55
CA THR C 109 4.95 26.28 15.08
C THR C 109 5.74 26.58 13.82
N VAL C 110 5.19 27.49 13.01
CA VAL C 110 5.88 27.93 11.80
C VAL C 110 7.21 28.56 12.17
N ALA C 111 8.24 28.25 11.38
CA ALA C 111 9.54 28.92 11.49
C ALA C 111 10.05 29.25 10.10
N ALA C 112 10.48 30.49 9.90
CA ALA C 112 11.05 30.84 8.61
C ALA C 112 12.47 30.32 8.49
N PRO C 113 12.93 30.01 7.27
CA PRO C 113 14.32 29.60 7.09
C PRO C 113 15.27 30.78 7.22
N SER C 114 16.42 30.52 7.82
CA SER C 114 17.56 31.40 7.65
C SER C 114 18.30 31.03 6.39
N VAL C 115 18.56 32.01 5.51
CA VAL C 115 19.02 31.75 4.15
C VAL C 115 20.47 32.18 4.00
N PHE C 116 21.25 31.36 3.28
CA PHE C 116 22.66 31.63 3.05
C PHE C 116 23.02 31.24 1.63
N ILE C 117 23.92 31.99 1.00
CA ILE C 117 24.38 31.66 -0.35
C ILE C 117 25.90 31.55 -0.34
N PHE C 118 26.42 30.56 -1.07
CA PHE C 118 27.85 30.24 -1.08
C PHE C 118 28.32 30.23 -2.53
N PRO C 119 29.28 31.08 -2.88
CA PRO C 119 29.88 31.03 -4.22
C PRO C 119 30.71 29.78 -4.38
N PRO C 120 31.07 29.41 -5.60
CA PRO C 120 31.97 28.27 -5.78
C PRO C 120 33.37 28.60 -5.25
N SER C 121 34.04 27.59 -4.74
CA SER C 121 35.41 27.78 -4.28
C SER C 121 36.35 28.00 -5.48
N ASP C 122 37.48 28.66 -5.22
CA ASP C 122 38.52 28.79 -6.23
C ASP C 122 39.04 27.43 -6.67
N GLU C 123 39.16 26.51 -5.72
CA GLU C 123 39.64 25.16 -6.01
C GLU C 123 38.75 24.47 -7.04
N GLN C 124 37.42 24.55 -6.85
CA GLN C 124 36.52 23.91 -7.81
C GLN C 124 36.60 24.60 -9.16
N LEU C 125 36.68 25.93 -9.16
CA LEU C 125 36.75 26.66 -10.42
C LEU C 125 37.96 26.24 -11.24
N LYS C 126 39.11 26.02 -10.59
CA LYS C 126 40.25 25.49 -11.32
C LYS C 126 39.93 24.18 -12.04
N SER C 127 38.92 23.44 -11.59
CA SER C 127 38.61 22.13 -12.15
C SER C 127 37.62 22.16 -13.32
N GLY C 128 37.03 23.31 -13.64
CA GLY C 128 36.16 23.41 -14.79
C GLY C 128 34.67 23.48 -14.51
N THR C 129 34.27 23.40 -13.24
CA THR C 129 32.87 23.37 -12.84
C THR C 129 32.66 24.37 -11.70
N ALA C 130 31.46 24.94 -11.63
CA ALA C 130 31.10 25.87 -10.57
C ALA C 130 29.80 25.40 -9.93
N SER C 131 29.83 25.17 -8.61
CA SER C 131 28.65 24.85 -7.82
C SER C 131 28.33 26.03 -6.92
N VAL C 132 27.12 26.55 -7.03
CA VAL C 132 26.64 27.63 -6.17
C VAL C 132 25.61 27.01 -5.23
N VAL C 133 25.74 27.28 -3.93
CA VAL C 133 24.91 26.56 -2.97
C VAL C 133 24.04 27.55 -2.21
N CYS C 134 22.76 27.26 -2.11
CA CYS C 134 21.83 28.04 -1.32
C CYS C 134 21.28 27.16 -0.20
N LEU C 135 21.39 27.66 1.03
CA LEU C 135 21.00 26.91 2.21
C LEU C 135 19.81 27.59 2.87
N LEU C 136 18.77 26.80 3.16
CA LEU C 136 17.58 27.22 3.90
C LEU C 136 17.57 26.44 5.21
N ASN C 137 17.77 27.12 6.33
CA ASN C 137 18.06 26.45 7.58
C ASN C 137 16.92 26.59 8.58
N ASN C 138 16.51 25.45 9.14
CA ASN C 138 15.64 25.34 10.31
C ASN C 138 14.29 26.02 10.08
N PHE C 139 13.54 25.50 9.12
CA PHE C 139 12.25 26.06 8.82
C PHE C 139 11.16 25.02 9.01
N TYR C 140 9.93 25.49 9.10
CA TYR C 140 8.72 24.68 9.24
C TYR C 140 7.53 25.52 8.79
N PRO C 141 6.62 24.97 7.97
CA PRO C 141 6.57 23.59 7.48
C PRO C 141 7.45 23.34 6.26
N ARG C 142 7.30 22.16 5.68
CA ARG C 142 8.24 21.69 4.67
C ARG C 142 8.19 22.53 3.39
N GLU C 143 7.01 23.02 3.01
CA GLU C 143 6.87 23.69 1.73
C GLU C 143 7.74 24.94 1.65
N ALA C 144 8.56 25.01 0.60
CA ALA C 144 9.46 26.14 0.38
C ALA C 144 9.79 26.21 -1.11
N LYS C 145 9.92 27.43 -1.63
CA LYS C 145 10.30 27.60 -3.02
C LYS C 145 11.64 28.33 -3.11
N VAL C 146 12.53 27.79 -3.95
CA VAL C 146 13.86 28.36 -4.18
C VAL C 146 13.98 28.66 -5.67
N GLN C 147 14.23 29.92 -5.99
CA GLN C 147 14.41 30.37 -7.37
C GLN C 147 15.79 30.98 -7.54
N TRP C 148 16.54 30.46 -8.53
CA TRP C 148 17.88 30.96 -8.83
C TRP C 148 17.79 32.04 -9.91
N LYS C 149 18.47 33.16 -9.67
CA LYS C 149 18.58 34.23 -10.64
C LYS C 149 20.06 34.53 -10.90
N VAL C 150 20.43 34.59 -12.17
CA VAL C 150 21.78 34.93 -12.58
C VAL C 150 21.68 36.12 -13.52
N ASP C 151 22.24 37.25 -13.10
CA ASP C 151 22.03 38.56 -13.73
C ASP C 151 20.54 38.77 -14.04
N ASN C 152 19.71 38.51 -13.02
CA ASN C 152 18.26 38.64 -13.02
C ASN C 152 17.56 37.68 -13.98
N ALA C 153 18.27 36.75 -14.60
CA ALA C 153 17.63 35.73 -15.42
C ALA C 153 17.31 34.51 -14.58
N LEU C 154 16.04 34.09 -14.59
CA LEU C 154 15.62 32.91 -13.84
C LEU C 154 16.25 31.65 -14.42
N GLN C 155 16.71 30.77 -13.55
CA GLN C 155 17.36 29.53 -13.94
C GLN C 155 16.37 28.37 -13.88
N SER C 156 16.47 27.47 -14.85
CA SER C 156 15.65 26.27 -14.86
C SER C 156 16.46 25.09 -15.36
N GLY C 157 16.37 23.97 -14.66
CA GLY C 157 16.95 22.72 -15.11
C GLY C 157 18.38 22.47 -14.70
N ASN C 158 19.01 23.42 -14.02
CA ASN C 158 20.42 23.28 -13.67
C ASN C 158 20.65 23.32 -12.16
N SER C 159 19.64 22.99 -11.35
CA SER C 159 19.81 22.93 -9.90
C SER C 159 19.12 21.68 -9.36
N GLN C 160 19.63 21.19 -8.24
CA GLN C 160 19.03 20.05 -7.55
C GLN C 160 18.86 20.40 -6.08
N GLU C 161 17.80 19.88 -5.48
CA GLU C 161 17.44 20.17 -4.09
C GLU C 161 17.57 18.92 -3.24
N SER C 162 17.86 19.13 -1.95
CA SER C 162 17.96 18.06 -0.97
C SER C 162 17.42 18.59 0.35
N VAL C 163 16.62 17.78 1.05
CA VAL C 163 15.97 18.23 2.29
C VAL C 163 16.21 17.21 3.39
N THR C 164 16.49 17.69 4.60
CA THR C 164 16.69 16.78 5.71
C THR C 164 15.34 16.27 6.22
N GLU C 165 15.39 15.18 6.97
CA GLU C 165 14.22 14.78 7.75
C GLU C 165 14.05 15.75 8.92
N GLN C 166 12.89 15.70 9.58
CA GLN C 166 12.63 16.61 10.68
C GLN C 166 13.72 16.47 11.73
N ASP C 167 14.22 17.61 12.22
CA ASP C 167 15.30 17.60 13.20
C ASP C 167 14.86 16.89 14.48
N SER C 168 15.75 16.08 15.05
CA SER C 168 15.40 15.28 16.22
C SER C 168 15.04 16.13 17.43
N LYS C 169 15.47 17.39 17.46
CA LYS C 169 15.25 18.25 18.61
C LYS C 169 14.17 19.30 18.38
N ASP C 170 14.22 20.06 17.28
CA ASP C 170 13.26 21.13 17.07
C ASP C 170 12.26 20.85 15.95
N SER C 171 12.33 19.68 15.32
CA SER C 171 11.38 19.23 14.30
C SER C 171 11.34 20.14 13.07
N THR C 172 12.39 20.91 12.82
CA THR C 172 12.44 21.70 11.60
C THR C 172 13.08 20.89 10.47
N TYR C 173 12.98 21.44 9.27
CA TYR C 173 13.65 20.97 8.07
C TYR C 173 14.79 21.92 7.72
N SER C 174 15.75 21.39 6.97
CA SER C 174 16.74 22.22 6.30
C SER C 174 16.89 21.70 4.88
N LEU C 175 17.22 22.62 3.98
CA LEU C 175 17.18 22.33 2.55
C LEU C 175 18.40 22.98 1.89
N SER C 176 18.99 22.26 0.94
CA SER C 176 20.05 22.80 0.10
C SER C 176 19.57 22.79 -1.35
N SER C 177 19.85 23.87 -2.05
CA SER C 177 19.67 23.93 -3.50
C SER C 177 21.02 24.23 -4.12
N THR C 178 21.43 23.39 -5.07
CA THR C 178 22.74 23.52 -5.70
C THR C 178 22.56 23.81 -7.18
N LEU C 179 23.12 24.94 -7.61
CA LEU C 179 23.14 25.36 -9.01
C LEU C 179 24.48 24.95 -9.61
N THR C 180 24.45 24.18 -10.69
CA THR C 180 25.68 23.70 -11.31
C THR C 180 25.85 24.33 -12.68
N LEU C 181 27.02 24.93 -12.91
CA LEU C 181 27.34 25.63 -14.14
C LEU C 181 28.73 25.23 -14.58
N SER C 182 29.00 25.35 -15.89
CA SER C 182 30.38 25.26 -16.30
C SER C 182 31.14 26.48 -15.81
N LYS C 183 32.47 26.36 -15.77
CA LYS C 183 33.32 27.48 -15.40
C LYS C 183 33.08 28.67 -16.31
N ALA C 184 32.93 28.42 -17.61
CA ALA C 184 32.79 29.54 -18.55
C ALA C 184 31.46 30.26 -18.37
N ASP C 185 30.38 29.52 -18.15
CA ASP C 185 29.08 30.12 -17.88
C ASP C 185 29.11 30.92 -16.59
N TYR C 186 29.74 30.36 -15.54
CA TYR C 186 29.88 31.08 -14.28
C TYR C 186 30.66 32.37 -14.44
N GLU C 187 31.79 32.31 -15.14
CA GLU C 187 32.60 33.50 -15.32
C GLU C 187 32.02 34.45 -16.36
N LYS C 188 30.93 34.06 -17.02
CA LYS C 188 30.23 34.95 -17.94
C LYS C 188 29.34 35.97 -17.23
N HIS C 189 28.93 35.71 -16.00
CA HIS C 189 27.93 36.52 -15.32
C HIS C 189 28.46 37.07 -14.02
N LYS C 190 27.71 38.04 -13.46
CA LYS C 190 28.14 38.77 -12.26
C LYS C 190 27.32 38.44 -11.04
N VAL C 191 25.99 38.60 -11.10
CA VAL C 191 25.12 38.57 -9.93
C VAL C 191 24.47 37.21 -9.80
N TYR C 192 24.72 36.54 -8.68
CA TYR C 192 24.13 35.24 -8.36
C TYR C 192 23.25 35.38 -7.15
N ALA C 193 21.98 35.03 -7.32
CA ALA C 193 20.96 35.28 -6.31
C ALA C 193 20.08 34.05 -6.11
N CYS C 194 19.75 33.80 -4.84
CA CYS C 194 18.83 32.76 -4.41
C CYS C 194 17.64 33.45 -3.75
N GLU C 195 16.44 33.26 -4.30
CA GLU C 195 15.22 33.86 -3.77
C GLU C 195 14.35 32.76 -3.14
N VAL C 196 13.98 32.96 -1.88
CA VAL C 196 13.30 31.96 -1.07
C VAL C 196 11.94 32.48 -0.65
N THR C 197 10.91 31.68 -0.92
CA THR C 197 9.55 31.98 -0.48
C THR C 197 9.09 30.88 0.45
N HIS C 198 8.55 31.28 1.60
CA HIS C 198 8.13 30.35 2.63
C HIS C 198 7.05 31.03 3.46
N GLN C 199 6.14 30.21 4.00
CA GLN C 199 5.01 30.73 4.76
C GLN C 199 5.43 31.60 5.94
N GLY C 200 6.56 31.29 6.57
CA GLY C 200 7.03 32.08 7.69
C GLY C 200 7.61 33.42 7.35
N LEU C 201 7.74 33.74 6.07
CA LEU C 201 8.31 35.00 5.61
C LEU C 201 7.21 35.92 5.11
N SER C 202 7.22 37.17 5.57
CA SER C 202 6.27 38.15 5.07
C SER C 202 6.39 38.29 3.56
N SER C 203 7.61 38.43 3.07
CA SER C 203 7.93 38.57 1.65
C SER C 203 9.11 37.68 1.34
N PRO C 204 9.33 37.36 0.07
CA PRO C 204 10.49 36.52 -0.29
C PRO C 204 11.80 37.16 0.16
N VAL C 205 12.73 36.30 0.57
CA VAL C 205 14.06 36.72 0.99
C VAL C 205 15.06 36.31 -0.08
N THR C 206 15.84 37.27 -0.56
CA THR C 206 16.85 37.04 -1.59
C THR C 206 18.23 37.23 -0.97
N LYS C 207 19.11 36.25 -1.17
CA LYS C 207 20.52 36.39 -0.81
C LYS C 207 21.34 36.30 -2.09
N SER C 208 22.33 37.17 -2.23
CA SER C 208 23.07 37.27 -3.47
C SER C 208 24.54 37.60 -3.23
N PHE C 209 25.35 37.39 -4.26
CA PHE C 209 26.72 37.84 -4.28
C PHE C 209 27.08 38.17 -5.72
N ASN C 210 28.16 38.93 -5.88
CA ASN C 210 28.74 39.25 -7.18
C ASN C 210 30.02 38.44 -7.36
N ARG C 211 30.15 37.77 -8.50
CA ARG C 211 31.36 36.99 -8.77
C ARG C 211 32.60 37.87 -8.63
N GLY C 212 33.58 37.38 -7.87
CA GLY C 212 34.84 38.06 -7.69
C GLY C 212 34.91 39.04 -6.53
N GLU C 213 33.77 39.43 -5.96
CA GLU C 213 33.80 40.33 -4.81
C GLU C 213 33.97 39.54 -3.53
N CYS C 214 34.06 40.25 -2.40
CA CYS C 214 34.31 39.61 -1.12
C CYS C 214 33.00 39.47 -0.33
C1 NAG D . -49.43 -19.34 5.75
C2 NAG D . -50.34 -19.64 4.55
C3 NAG D . -51.28 -18.46 4.27
C4 NAG D . -51.99 -17.98 5.53
C5 NAG D . -50.97 -17.73 6.64
C6 NAG D . -51.60 -17.33 7.95
C7 NAG D . -49.62 -21.14 2.74
C8 NAG D . -48.76 -21.28 1.52
N2 NAG D . -49.55 -19.95 3.36
O3 NAG D . -52.22 -18.89 3.30
O4 NAG D . -52.60 -16.71 5.32
O5 NAG D . -50.23 -18.93 6.88
O6 NAG D . -50.60 -17.16 8.94
O7 NAG D . -50.32 -22.04 3.14
C1 NAG D . -53.77 -16.66 4.50
C2 NAG D . -54.75 -15.67 5.09
C3 NAG D . -55.97 -15.53 4.18
C4 NAG D . -55.55 -15.22 2.75
C5 NAG D . -54.48 -16.20 2.27
C6 NAG D . -53.88 -15.80 0.94
C7 NAG D . -54.78 -15.38 7.53
C8 NAG D . -55.30 -15.91 8.83
N2 NAG D . -55.16 -16.04 6.44
O3 NAG D . -56.79 -14.48 4.69
O4 NAG D . -56.67 -15.33 1.88
O5 NAG D . -53.39 -16.26 3.20
O6 NAG D . -53.38 -14.47 0.95
O7 NAG D . -54.03 -14.40 7.48
C1 BMA D . -57.30 -14.04 1.71
C2 BMA D . -57.77 -13.91 0.24
C3 BMA D . -58.59 -12.62 0.07
C4 BMA D . -59.68 -12.49 1.17
C5 BMA D . -59.04 -12.64 2.55
C6 BMA D . -60.07 -12.59 3.69
O2 BMA D . -58.62 -14.99 -0.09
O3 BMA D . -59.17 -12.57 -1.24
O4 BMA D . -60.32 -11.23 1.10
O5 BMA D . -58.39 -13.92 2.61
O6 BMA D . -59.36 -12.79 4.91
C1 MAN D . -59.11 -11.22 -1.77
C2 MAN D . -59.97 -11.24 -3.06
C3 MAN D . -59.27 -12.07 -4.12
C4 MAN D . -57.83 -11.55 -4.36
C5 MAN D . -57.04 -11.55 -3.05
C6 MAN D . -55.67 -10.93 -3.17
O2 MAN D . -60.11 -9.91 -3.62
O3 MAN D . -60.01 -12.11 -5.34
O4 MAN D . -57.17 -12.38 -5.31
O5 MAN D . -57.77 -10.80 -2.04
O6 MAN D . -54.92 -11.22 -1.99
C1 MAN D . -60.19 -12.48 6.04
C2 MAN D . -59.22 -12.16 7.22
C3 MAN D . -58.51 -13.45 7.67
C4 MAN D . -59.54 -14.58 7.94
C5 MAN D . -60.45 -14.80 6.71
C6 MAN D . -61.55 -15.82 6.96
O2 MAN D . -59.90 -11.65 8.37
O3 MAN D . -57.68 -13.23 8.80
O4 MAN D . -58.86 -15.79 8.22
O5 MAN D . -61.07 -13.55 6.36
O6 MAN D . -62.29 -15.99 5.76
C1 FUC D . -51.00 -16.16 9.89
C2 FUC D . -49.95 -16.16 11.01
C3 FUC D . -48.61 -15.64 10.47
C4 FUC D . -48.82 -14.26 9.88
C5 FUC D . -49.85 -14.35 8.77
C6 FUC D . -50.18 -12.99 8.16
O2 FUC D . -49.79 -17.45 11.59
O3 FUC D . -47.67 -15.52 11.53
O4 FUC D . -49.31 -13.39 10.89
O5 FUC D . -51.10 -14.89 9.26
C1 NAG E . -0.33 22.40 14.07
C2 NAG E . -1.85 22.18 14.09
C3 NAG E . -2.59 23.51 13.94
C4 NAG E . -2.08 24.54 14.96
C5 NAG E . -0.56 24.65 14.84
C6 NAG E . 0.06 25.58 15.87
C7 NAG E . -2.90 20.10 13.29
C8 NAG E . -3.23 19.27 12.08
N2 NAG E . -2.25 21.25 13.06
O3 NAG E . -3.98 23.29 14.13
O4 NAG E . -2.67 25.80 14.69
O5 NAG E . 0.04 23.36 15.04
O6 NAG E . -0.31 25.21 17.19
O7 NAG E . -3.19 19.74 14.43
C1 NAG E . -3.59 26.21 15.71
C2 NAG E . -3.87 27.71 15.54
C3 NAG E . -4.90 28.18 16.56
C4 NAG E . -6.15 27.32 16.50
C5 NAG E . -5.78 25.85 16.67
C6 NAG E . -6.96 24.92 16.51
C7 NAG E . -2.07 29.08 14.59
C8 NAG E . -0.81 29.84 14.88
N2 NAG E . -2.65 28.48 15.64
O3 NAG E . -5.23 29.55 16.30
O4 NAG E . -7.06 27.71 17.53
O5 NAG E . -4.82 25.48 15.66
O6 NAG E . -7.54 25.03 15.22
O7 NAG E . -2.54 29.00 13.46
C1 FUC E . 0.81 25.23 18.09
C2 FUC E . 0.25 25.24 19.53
C3 FUC E . -0.44 23.90 19.86
C4 FUC E . 0.51 22.73 19.61
C5 FUC E . 1.09 22.81 18.19
C6 FUC E . 2.16 21.77 17.93
O2 FUC E . -0.64 26.33 19.74
O3 FUC E . -0.79 23.86 21.23
O4 FUC E . 1.56 22.77 20.57
O5 FUC E . 1.67 24.11 17.90
MG MG F . -33.92 -36.45 -19.85
CL CL G . 2.73 -1.77 -5.91
CL CL H . 39.01 7.55 -6.50
MG MG I . 3.25 3.07 -6.34
CL CL J . -7.56 0.19 -11.42
#